data_3ZWU
#
_entry.id   3ZWU
#
_cell.length_a   68.790
_cell.length_b   71.470
_cell.length_c   227.830
_cell.angle_alpha   90.00
_cell.angle_beta   90.00
_cell.angle_gamma   90.00
#
_symmetry.space_group_name_H-M   'P 21 21 21'
#
loop_
_entity.id
_entity.type
_entity.pdbx_description
1 polymer 'ALKALINE PHOSPHATASE PHOX'
2 non-polymer 'VANADATE ION'
3 non-polymer 'CHLORIDE ION'
4 non-polymer 'CALCIUM ION'
5 non-polymer MU-OXO-DIIRON
6 water water
#
_entity_poly.entity_id   1
_entity_poly.type   'polypeptide(L)'
_entity_poly.pdbx_seq_one_letter_code
;ASVSAGNSRLLGFDSIPAATTDTISLPKGYKSSVLISWGQPLHKNGPAFDPSGNGTAAAQEVQFGDNNDGMSLFEFPGEK
NRALMAINNEYTNYRYLYPHGGMPQSAEDVRKALACEGVSVIEVQRKNGQWQFVQGSRYNRRIHGNSPLRISGPAAGHEL
MKTSADKHGKKVLGTFQNCANGKTPWGTYLTCEENFTDCFGSSNAQQQFDPAQKRYGVSAASREINWHPFDPRFDMAKNP
NELNRHGWVVEIDPFDPQSTPVKRTALGRFKHENAALAETDDGRAVVYMGDDERGEFIYKFVSRDKINHRNAKANRDILD
HGTLYVARFDAGDGNPDHPKGQGQWIELTHGKNGIDASSGFADQAEVLIHARLAASVVGATRMDRPEWIVVSPKDGQVYC
TLTNNAKRGEDGQPVGGPNPREKNVYGQILRWRTDRDDHASKTFAWDLFVVAGNPSVHAGTPKGGSSNITPQNMFNSPDG
LGFDKAGRLWILTDGDSSNAGDFAGMGNNQMLCADPATGEIRRFMVGPIGCEVTGISFSPDQKTLFVGIQHPGENGGSTF
PEHLPNGKPRSSVMAITREDGGIVGAHHHHHH
;
_entity_poly.pdbx_strand_id   A,B
#
# COMPACT_ATOMS: atom_id res chain seq x y z
N ARG A 9 -0.69 -37.76 -37.87
CA ARG A 9 -1.71 -37.45 -36.87
C ARG A 9 -1.32 -36.20 -36.05
N LEU A 10 -2.06 -35.89 -34.97
CA LEU A 10 -1.80 -34.73 -34.13
C LEU A 10 -0.73 -34.93 -33.08
N LEU A 11 -0.58 -36.15 -32.51
CA LEU A 11 0.39 -36.40 -31.45
C LEU A 11 1.73 -36.82 -32.04
N GLY A 12 2.72 -35.90 -32.01
CA GLY A 12 4.00 -36.11 -32.65
C GLY A 12 5.16 -36.47 -31.71
N PHE A 13 4.87 -36.73 -30.44
CA PHE A 13 5.88 -37.07 -29.43
C PHE A 13 5.48 -38.38 -28.75
N ASP A 14 6.45 -39.10 -28.18
CA ASP A 14 6.18 -40.35 -27.47
C ASP A 14 5.82 -40.02 -26.03
N SER A 15 4.76 -40.66 -25.49
CA SER A 15 4.29 -40.45 -24.13
C SER A 15 5.43 -40.68 -23.13
N ILE A 16 5.70 -39.68 -22.26
CA ILE A 16 6.80 -39.77 -21.29
C ILE A 16 6.39 -40.51 -20.01
N PRO A 17 7.35 -41.07 -19.26
CA PRO A 17 6.99 -41.71 -18.01
C PRO A 17 6.59 -40.69 -16.94
N ALA A 18 5.86 -41.16 -15.92
CA ALA A 18 5.52 -40.34 -14.77
C ALA A 18 6.82 -40.07 -14.02
N ALA A 19 6.89 -38.96 -13.29
CA ALA A 19 8.11 -38.58 -12.56
C ALA A 19 7.77 -37.97 -11.23
N THR A 20 8.72 -38.07 -10.30
CA THR A 20 8.60 -37.56 -8.93
C THR A 20 9.70 -36.55 -8.60
N THR A 21 10.55 -36.18 -9.58
CA THR A 21 11.66 -35.26 -9.35
C THR A 21 11.18 -33.83 -9.23
N ASP A 22 12.03 -32.99 -8.64
CA ASP A 22 11.74 -31.57 -8.45
C ASP A 22 12.24 -30.78 -9.68
N THR A 23 11.78 -31.19 -10.87
CA THR A 23 12.19 -30.62 -12.13
C THR A 23 11.04 -30.69 -13.14
N ILE A 24 11.29 -30.18 -14.35
CA ILE A 24 10.38 -30.28 -15.49
C ILE A 24 10.89 -31.45 -16.33
N SER A 25 10.04 -32.47 -16.54
CA SER A 25 10.38 -33.61 -17.40
C SER A 25 9.60 -33.43 -18.70
N LEU A 26 10.24 -33.61 -19.86
CA LEU A 26 9.62 -33.42 -21.17
C LEU A 26 10.03 -34.54 -22.13
N PRO A 27 9.41 -34.62 -23.34
CA PRO A 27 9.84 -35.65 -24.28
C PRO A 27 11.17 -35.30 -24.93
N LYS A 28 11.74 -36.26 -25.68
CA LYS A 28 13.01 -36.05 -26.37
C LYS A 28 12.91 -34.86 -27.32
N GLY A 29 13.93 -34.00 -27.34
CA GLY A 29 13.96 -32.86 -28.24
C GLY A 29 13.21 -31.63 -27.73
N TYR A 30 12.72 -31.63 -26.47
CA TYR A 30 12.03 -30.49 -25.89
C TYR A 30 12.87 -29.90 -24.77
N LYS A 31 12.73 -28.59 -24.55
CA LYS A 31 13.44 -27.87 -23.50
C LYS A 31 12.51 -26.88 -22.84
N SER A 32 12.86 -26.49 -21.61
CA SER A 32 12.07 -25.53 -20.83
C SER A 32 12.97 -24.42 -20.30
N SER A 33 12.38 -23.24 -20.13
CA SER A 33 13.07 -22.09 -19.58
C SER A 33 12.07 -21.28 -18.76
N VAL A 34 12.52 -20.66 -17.68
CA VAL A 34 11.65 -19.84 -16.83
C VAL A 34 11.43 -18.51 -17.55
N LEU A 35 10.17 -18.16 -17.84
CA LEU A 35 9.86 -16.87 -18.45
C LEU A 35 9.87 -15.82 -17.33
N ILE A 36 9.14 -16.09 -16.25
CA ILE A 36 9.03 -15.16 -15.13
C ILE A 36 8.59 -15.93 -13.88
N SER A 37 9.00 -15.47 -12.69
CA SER A 37 8.65 -16.09 -11.42
C SER A 37 8.03 -15.09 -10.48
N TRP A 38 7.24 -15.60 -9.52
CA TRP A 38 6.67 -14.80 -8.43
C TRP A 38 7.75 -13.90 -7.84
N GLY A 39 7.45 -12.61 -7.69
CA GLY A 39 8.37 -11.64 -7.09
C GLY A 39 9.21 -10.84 -8.07
N GLN A 40 9.18 -11.16 -9.36
CA GLN A 40 9.95 -10.44 -10.37
C GLN A 40 9.48 -8.98 -10.46
N PRO A 41 10.36 -7.98 -10.25
CA PRO A 41 9.90 -6.60 -10.43
C PRO A 41 9.53 -6.36 -11.89
N LEU A 42 8.41 -5.66 -12.11
CA LEU A 42 7.94 -5.41 -13.46
C LEU A 42 8.47 -4.14 -14.11
N HIS A 43 8.81 -3.13 -13.31
CA HIS A 43 9.21 -1.82 -13.82
C HIS A 43 10.69 -1.55 -13.70
N LYS A 44 11.17 -0.56 -14.47
CA LYS A 44 12.57 -0.15 -14.45
C LYS A 44 12.93 0.34 -13.04
N ASN A 45 14.08 -0.13 -12.51
CA ASN A 45 14.55 0.18 -11.15
C ASN A 45 13.65 -0.43 -10.08
N GLY A 46 12.82 -1.43 -10.44
CA GLY A 46 11.89 -2.04 -9.51
C GLY A 46 12.61 -2.84 -8.43
N PRO A 47 11.93 -3.09 -7.29
CA PRO A 47 12.54 -3.80 -6.17
C PRO A 47 12.81 -5.26 -6.49
N ALA A 48 14.05 -5.69 -6.27
CA ALA A 48 14.43 -7.09 -6.52
C ALA A 48 13.69 -8.01 -5.56
N PHE A 49 13.42 -9.24 -6.03
CA PHE A 49 12.81 -10.26 -5.19
C PHE A 49 13.73 -10.53 -4.00
N ASP A 50 13.12 -10.62 -2.81
CA ASP A 50 13.81 -10.84 -1.55
C ASP A 50 13.45 -12.24 -1.05
N PRO A 51 14.35 -13.24 -1.23
CA PRO A 51 14.05 -14.60 -0.75
C PRO A 51 13.85 -14.73 0.76
N SER A 52 14.28 -13.75 1.56
CA SER A 52 14.09 -13.80 3.01
C SER A 52 12.64 -13.57 3.44
N GLY A 53 11.76 -13.09 2.54
CA GLY A 53 10.37 -12.80 2.87
C GLY A 53 10.19 -11.37 3.40
N ASN A 54 11.28 -10.58 3.52
CA ASN A 54 11.21 -9.22 4.05
C ASN A 54 10.79 -8.17 3.02
N GLY A 55 10.38 -8.58 1.79
CA GLY A 55 9.89 -7.63 0.82
C GLY A 55 8.60 -6.98 1.34
N THR A 56 8.37 -5.72 1.00
CA THR A 56 7.20 -5.02 1.50
C THR A 56 5.96 -5.30 0.66
N ALA A 57 4.80 -4.92 1.18
CA ALA A 57 3.56 -5.03 0.43
C ALA A 57 3.63 -4.12 -0.78
N ALA A 58 4.17 -2.90 -0.61
CA ALA A 58 4.32 -1.95 -1.72
C ALA A 58 5.17 -2.53 -2.84
N ALA A 59 6.23 -3.27 -2.49
CA ALA A 59 7.07 -3.90 -3.49
C ALA A 59 6.30 -5.00 -4.21
N GLN A 60 5.51 -5.80 -3.46
CA GLN A 60 4.71 -6.87 -4.06
C GLN A 60 3.67 -6.32 -5.05
N GLU A 61 3.17 -5.11 -4.81
CA GLU A 61 2.22 -4.47 -5.73
C GLU A 61 2.85 -4.11 -7.09
N VAL A 62 4.20 -4.08 -7.19
CA VAL A 62 4.91 -3.79 -8.45
C VAL A 62 5.78 -4.98 -8.89
N GLN A 63 5.49 -6.18 -8.34
CA GLN A 63 6.21 -7.39 -8.68
C GLN A 63 5.21 -8.41 -9.20
N PHE A 64 5.70 -9.34 -10.02
CA PHE A 64 4.88 -10.43 -10.53
C PHE A 64 4.23 -11.13 -9.34
N GLY A 65 2.91 -11.35 -9.42
CA GLY A 65 2.17 -11.92 -8.31
C GLY A 65 2.51 -13.37 -8.05
N ASP A 66 1.89 -13.93 -7.01
CA ASP A 66 2.16 -15.29 -6.59
C ASP A 66 1.21 -16.28 -7.25
N ASN A 67 1.52 -17.57 -7.15
CA ASN A 67 0.70 -18.67 -7.65
C ASN A 67 0.03 -18.37 -8.97
N ASN A 68 0.86 -18.13 -9.98
CA ASN A 68 0.40 -17.87 -11.34
C ASN A 68 -0.53 -18.98 -11.81
N ASP A 69 -1.60 -18.62 -12.52
CA ASP A 69 -2.64 -19.55 -12.91
C ASP A 69 -3.07 -19.31 -14.36
N GLY A 70 -4.37 -19.10 -14.68
CA GLY A 70 -4.77 -18.88 -16.06
C GLY A 70 -4.06 -17.71 -16.71
N MET A 71 -3.86 -17.80 -18.03
CA MET A 71 -3.19 -16.77 -18.77
C MET A 71 -3.52 -16.80 -20.25
N SER A 72 -3.40 -15.65 -20.91
CA SER A 72 -3.61 -15.52 -22.34
C SER A 72 -2.51 -14.67 -22.92
N LEU A 73 -2.19 -14.91 -24.19
CA LEU A 73 -1.20 -14.16 -24.95
C LEU A 73 -1.95 -13.32 -25.99
N PHE A 74 -1.52 -12.06 -26.17
CA PHE A 74 -2.12 -11.14 -27.14
C PHE A 74 -1.05 -10.66 -28.10
N GLU A 75 -1.37 -10.69 -29.40
CA GLU A 75 -0.44 -10.24 -30.44
C GLU A 75 -0.36 -8.73 -30.49
N PHE A 76 0.79 -8.20 -30.92
CA PHE A 76 0.97 -6.76 -31.12
C PHE A 76 0.74 -6.51 -32.61
N PRO A 77 -0.18 -5.60 -32.98
CA PRO A 77 -0.38 -5.32 -34.40
C PRO A 77 0.89 -4.80 -35.07
N GLY A 78 1.27 -5.42 -36.19
CA GLY A 78 2.45 -5.02 -36.97
C GLY A 78 3.80 -5.50 -36.46
N GLU A 79 3.86 -6.29 -35.36
CA GLU A 79 5.14 -6.75 -34.79
C GLU A 79 5.06 -8.20 -34.32
N LYS A 80 5.56 -9.15 -35.13
CA LYS A 80 5.53 -10.57 -34.79
C LYS A 80 6.47 -10.97 -33.64
N ASN A 81 7.49 -10.15 -33.32
CA ASN A 81 8.45 -10.47 -32.24
C ASN A 81 8.08 -9.84 -30.89
N ARG A 82 6.85 -9.32 -30.73
CA ARG A 82 6.37 -8.75 -29.48
C ARG A 82 5.00 -9.36 -29.18
N ALA A 83 4.67 -9.46 -27.90
CA ALA A 83 3.36 -9.90 -27.46
C ALA A 83 3.13 -9.48 -26.02
N LEU A 84 1.88 -9.46 -25.59
CA LEU A 84 1.54 -9.19 -24.20
C LEU A 84 0.95 -10.46 -23.64
N MET A 85 1.18 -10.71 -22.35
CA MET A 85 0.60 -11.84 -21.66
C MET A 85 -0.09 -11.32 -20.42
N ALA A 86 -1.35 -11.73 -20.20
CA ALA A 86 -2.12 -11.38 -19.01
C ALA A 86 -2.17 -12.67 -18.20
N ILE A 87 -1.58 -12.67 -17.00
CA ILE A 87 -1.43 -13.87 -16.19
C ILE A 87 -2.06 -13.69 -14.84
N ASN A 88 -2.96 -14.61 -14.48
CA ASN A 88 -3.62 -14.55 -13.19
C ASN A 88 -2.69 -14.94 -12.07
N ASN A 89 -2.94 -14.38 -10.89
CA ASN A 89 -2.22 -14.68 -9.67
C ASN A 89 -3.30 -15.03 -8.67
N GLU A 90 -3.46 -16.32 -8.39
CA GLU A 90 -4.61 -16.80 -7.63
C GLU A 90 -4.57 -16.61 -6.14
N TYR A 91 -3.51 -17.01 -5.49
CA TYR A 91 -3.41 -16.92 -4.04
C TYR A 91 -1.97 -16.87 -3.62
N THR A 92 -1.68 -16.98 -2.32
CA THR A 92 -0.30 -16.93 -1.87
C THR A 92 -0.04 -18.02 -0.85
N ASN A 93 1.24 -18.30 -0.65
CA ASN A 93 1.71 -19.34 0.25
C ASN A 93 2.33 -18.63 1.44
N TYR A 94 1.60 -18.55 2.55
CA TYR A 94 2.06 -17.84 3.74
C TYR A 94 3.40 -18.33 4.27
N ARG A 95 3.71 -19.63 4.10
CA ARG A 95 5.01 -20.16 4.55
C ARG A 95 6.20 -19.50 3.84
N TYR A 96 5.99 -19.00 2.61
CA TYR A 96 7.02 -18.33 1.83
C TYR A 96 6.83 -16.82 1.73
N LEU A 97 5.60 -16.32 1.83
CA LEU A 97 5.35 -14.90 1.66
C LEU A 97 5.95 -14.03 2.77
N TYR A 98 5.76 -14.45 4.01
CA TYR A 98 6.21 -13.68 5.17
C TYR A 98 7.46 -14.30 5.78
N PRO A 99 8.33 -13.49 6.42
CA PRO A 99 9.51 -14.05 7.09
C PRO A 99 9.09 -14.95 8.27
N HIS A 100 7.97 -14.63 8.92
CA HIS A 100 7.45 -15.43 10.03
C HIS A 100 6.77 -16.74 9.56
N GLY A 101 6.49 -16.87 8.24
CA GLY A 101 5.94 -18.07 7.63
C GLY A 101 4.54 -18.49 8.09
N GLY A 102 3.78 -17.57 8.73
CA GLY A 102 2.47 -17.91 9.26
C GLY A 102 1.37 -16.97 8.81
N MET A 103 0.30 -16.92 9.59
CA MET A 103 -0.86 -16.09 9.28
C MET A 103 -0.52 -14.61 9.33
N PRO A 104 -1.26 -13.76 8.58
CA PRO A 104 -1.03 -12.32 8.62
C PRO A 104 -1.07 -11.79 10.05
N GLN A 105 -0.13 -10.91 10.40
CA GLN A 105 -0.02 -10.34 11.74
C GLN A 105 -0.30 -8.84 11.77
N SER A 106 -0.72 -8.26 10.65
CA SER A 106 -0.90 -6.80 10.59
C SER A 106 -1.62 -6.38 9.32
N ALA A 107 -1.98 -5.10 9.24
CA ALA A 107 -2.58 -4.49 8.05
C ALA A 107 -1.60 -4.58 6.88
N GLU A 108 -0.30 -4.37 7.13
CA GLU A 108 0.70 -4.48 6.06
C GLU A 108 0.82 -5.91 5.54
N ASP A 109 0.72 -6.92 6.43
CA ASP A 109 0.77 -8.31 5.97
C ASP A 109 -0.45 -8.60 5.08
N VAL A 110 -1.63 -8.10 5.47
CA VAL A 110 -2.84 -8.32 4.65
C VAL A 110 -2.68 -7.63 3.30
N ARG A 111 -2.14 -6.42 3.28
CA ARG A 111 -1.91 -5.71 2.02
C ARG A 111 -0.93 -6.50 1.15
N LYS A 112 0.08 -7.12 1.77
CA LYS A 112 1.07 -7.92 1.06
C LYS A 112 0.43 -9.15 0.41
N ALA A 113 -0.52 -9.79 1.10
CA ALA A 113 -1.23 -10.94 0.53
C ALA A 113 -2.15 -10.49 -0.60
N LEU A 114 -2.89 -9.39 -0.41
CA LEU A 114 -3.74 -8.86 -1.47
C LEU A 114 -2.92 -8.47 -2.70
N ALA A 115 -1.71 -7.94 -2.48
CA ALA A 115 -0.80 -7.56 -3.57
C ALA A 115 -0.35 -8.76 -4.40
N CYS A 116 -0.30 -9.96 -3.80
CA CYS A 116 0.08 -11.19 -4.50
C CYS A 116 -0.92 -11.63 -5.52
N GLU A 117 -2.20 -11.30 -5.32
CA GLU A 117 -3.29 -11.80 -6.13
C GLU A 117 -3.73 -10.81 -7.16
N GLY A 118 -4.46 -11.28 -8.17
CA GLY A 118 -4.98 -10.43 -9.23
C GLY A 118 -4.44 -10.88 -10.56
N VAL A 119 -3.90 -9.95 -11.34
CA VAL A 119 -3.36 -10.21 -12.66
C VAL A 119 -2.05 -9.49 -12.83
N SER A 120 -1.15 -10.11 -13.61
CA SER A 120 0.12 -9.52 -13.99
C SER A 120 0.11 -9.43 -15.50
N VAL A 121 0.14 -8.20 -16.05
CA VAL A 121 0.21 -8.00 -17.49
C VAL A 121 1.67 -7.76 -17.78
N ILE A 122 2.25 -8.51 -18.71
CA ILE A 122 3.66 -8.36 -19.06
C ILE A 122 3.87 -8.34 -20.55
N GLU A 123 4.95 -7.67 -20.99
CA GLU A 123 5.36 -7.70 -22.37
C GLU A 123 6.42 -8.78 -22.49
N VAL A 124 6.37 -9.54 -23.59
CA VAL A 124 7.37 -10.54 -23.92
C VAL A 124 7.88 -10.23 -25.32
N GLN A 125 9.19 -10.42 -25.56
CA GLN A 125 9.81 -10.17 -26.85
C GLN A 125 10.58 -11.41 -27.27
N ARG A 126 10.56 -11.71 -28.57
CA ARG A 126 11.25 -12.87 -29.12
C ARG A 126 12.61 -12.47 -29.69
N LYS A 127 13.66 -13.21 -29.32
CA LYS A 127 15.02 -13.00 -29.79
C LYS A 127 15.60 -14.39 -30.05
N ASN A 128 16.01 -14.68 -31.31
CA ASN A 128 16.56 -15.99 -31.72
C ASN A 128 15.57 -17.13 -31.43
N GLY A 129 14.27 -16.90 -31.70
CA GLY A 129 13.22 -17.90 -31.47
C GLY A 129 12.79 -18.09 -30.00
N GLN A 130 13.43 -17.39 -29.03
CA GLN A 130 13.14 -17.53 -27.60
C GLN A 130 12.42 -16.30 -27.06
N TRP A 131 11.24 -16.49 -26.44
CA TRP A 131 10.48 -15.41 -25.84
C TRP A 131 11.02 -15.10 -24.46
N GLN A 132 11.17 -13.81 -24.13
CA GLN A 132 11.67 -13.39 -22.84
C GLN A 132 10.89 -12.20 -22.31
N PHE A 133 10.77 -12.10 -20.99
CA PHE A 133 10.10 -11.00 -20.32
C PHE A 133 10.83 -9.68 -20.58
N VAL A 134 10.08 -8.60 -20.81
CA VAL A 134 10.64 -7.27 -21.03
C VAL A 134 10.34 -6.42 -19.80
N GLN A 135 11.28 -6.36 -18.87
CA GLN A 135 11.12 -5.51 -17.68
C GLN A 135 11.17 -4.07 -18.14
N GLY A 136 10.35 -3.21 -17.53
CA GLY A 136 10.31 -1.80 -17.88
C GLY A 136 9.39 -1.42 -19.03
N SER A 137 8.69 -2.40 -19.65
CA SER A 137 7.76 -2.09 -20.73
C SER A 137 6.62 -1.24 -20.16
N ARG A 138 6.13 -0.27 -20.95
CA ARG A 138 5.01 0.58 -20.50
C ARG A 138 3.71 -0.22 -20.31
N TYR A 139 3.60 -1.42 -20.92
CA TYR A 139 2.42 -2.26 -20.79
C TYR A 139 2.44 -3.10 -19.52
N ASN A 140 3.60 -3.23 -18.84
CA ASN A 140 3.68 -4.03 -17.63
C ASN A 140 2.82 -3.44 -16.55
N ARG A 141 2.04 -4.29 -15.87
CA ARG A 141 1.11 -3.78 -14.87
C ARG A 141 0.67 -4.86 -13.91
N ARG A 142 0.44 -4.46 -12.66
CA ARG A 142 -0.18 -5.32 -11.67
C ARG A 142 -1.57 -4.78 -11.39
N ILE A 143 -2.56 -5.67 -11.44
CA ILE A 143 -3.92 -5.43 -11.00
C ILE A 143 -3.96 -6.36 -9.81
N HIS A 144 -4.27 -5.85 -8.61
CA HIS A 144 -4.23 -6.66 -7.41
C HIS A 144 -5.45 -6.50 -6.54
N GLY A 145 -5.44 -7.15 -5.36
CA GLY A 145 -6.56 -7.15 -4.43
C GLY A 145 -6.99 -5.80 -3.88
N ASN A 146 -6.17 -4.75 -4.05
CA ASN A 146 -6.54 -3.39 -3.60
C ASN A 146 -6.58 -2.40 -4.78
N SER A 147 -6.65 -2.88 -6.02
CA SER A 147 -6.71 -1.99 -7.19
C SER A 147 -8.11 -1.43 -7.39
N PRO A 148 -8.24 -0.17 -7.87
CA PRO A 148 -9.58 0.38 -8.11
C PRO A 148 -10.20 -0.19 -9.38
N LEU A 149 -11.34 -0.88 -9.24
CA LEU A 149 -12.05 -1.51 -10.34
C LEU A 149 -13.48 -0.96 -10.43
N ARG A 150 -14.14 -1.22 -11.55
CA ARG A 150 -15.52 -0.79 -11.82
C ARG A 150 -16.43 -2.01 -11.88
N ILE A 151 -17.72 -1.82 -11.54
CA ILE A 151 -18.75 -2.85 -11.64
C ILE A 151 -19.70 -2.37 -12.73
N SER A 152 -20.04 -3.25 -13.68
CA SER A 152 -20.96 -2.93 -14.75
C SER A 152 -21.94 -4.08 -14.95
N GLY A 153 -22.96 -3.86 -15.76
CA GLY A 153 -23.96 -4.88 -16.02
C GLY A 153 -25.19 -4.73 -15.14
N PRO A 154 -26.14 -5.67 -15.23
CA PRO A 154 -27.41 -5.59 -14.52
C PRO A 154 -27.36 -5.43 -13.00
N ALA A 155 -26.31 -5.94 -12.34
CA ALA A 155 -26.20 -5.82 -10.87
C ALA A 155 -25.45 -4.57 -10.42
N ALA A 156 -24.83 -3.81 -11.34
CA ALA A 156 -24.13 -2.59 -10.95
C ALA A 156 -25.10 -1.56 -10.38
N GLY A 157 -24.76 -0.98 -9.24
CA GLY A 157 -25.59 0.01 -8.56
C GLY A 157 -26.74 -0.58 -7.75
N HIS A 158 -26.86 -1.92 -7.64
CA HIS A 158 -27.93 -2.53 -6.86
C HIS A 158 -27.68 -2.33 -5.37
N GLU A 159 -28.74 -2.32 -4.56
CA GLU A 159 -28.62 -2.18 -3.10
C GLU A 159 -27.68 -3.21 -2.47
N LEU A 160 -27.70 -4.46 -2.99
CA LEU A 160 -26.84 -5.53 -2.49
C LEU A 160 -25.36 -5.34 -2.83
N MET A 161 -25.03 -4.39 -3.74
CA MET A 161 -23.66 -4.11 -4.16
C MET A 161 -23.13 -2.80 -3.54
N LYS A 162 -23.89 -2.18 -2.61
CA LYS A 162 -23.47 -0.94 -1.96
C LYS A 162 -22.87 -1.25 -0.59
N THR A 163 -21.81 -0.52 -0.23
CA THR A 163 -21.15 -0.63 1.07
C THR A 163 -20.95 0.77 1.61
N SER A 164 -20.48 0.88 2.87
CA SER A 164 -20.22 2.18 3.47
CA SER A 164 -20.21 2.18 3.47
C SER A 164 -19.13 2.92 2.70
N ALA A 165 -18.10 2.19 2.20
CA ALA A 165 -17.00 2.80 1.44
C ALA A 165 -17.37 3.07 -0.03
N ASP A 166 -18.39 2.37 -0.57
CA ASP A 166 -18.88 2.60 -1.92
C ASP A 166 -20.40 2.66 -1.90
N LYS A 167 -20.94 3.85 -1.62
CA LYS A 167 -22.37 4.05 -1.50
C LYS A 167 -23.14 3.90 -2.82
N HIS A 168 -22.47 3.98 -3.99
CA HIS A 168 -23.17 3.89 -5.27
C HIS A 168 -23.14 2.50 -5.92
N GLY A 169 -22.39 1.54 -5.36
CA GLY A 169 -22.34 0.16 -5.88
C GLY A 169 -21.75 -0.02 -7.27
N LYS A 170 -20.83 0.86 -7.69
CA LYS A 170 -20.18 0.77 -9.00
C LYS A 170 -18.64 0.79 -8.93
N LYS A 171 -18.03 0.98 -7.74
CA LYS A 171 -16.58 1.07 -7.55
C LYS A 171 -16.16 0.03 -6.54
N VAL A 172 -15.35 -0.95 -6.96
CA VAL A 172 -14.91 -2.04 -6.10
C VAL A 172 -13.40 -2.06 -6.02
N LEU A 173 -12.87 -2.36 -4.84
CA LEU A 173 -11.44 -2.49 -4.68
C LEU A 173 -11.06 -3.94 -4.91
N GLY A 174 -10.24 -4.14 -5.92
CA GLY A 174 -9.60 -5.39 -6.22
C GLY A 174 -10.34 -6.50 -6.91
N THR A 175 -9.52 -7.41 -7.43
CA THR A 175 -9.88 -8.68 -7.96
C THR A 175 -8.85 -9.61 -7.33
N PHE A 176 -9.29 -10.68 -6.69
CA PHE A 176 -8.39 -11.60 -6.01
C PHE A 176 -8.92 -13.02 -6.18
N GLN A 177 -8.13 -14.03 -5.82
CA GLN A 177 -8.51 -15.44 -6.02
C GLN A 177 -8.76 -15.67 -7.51
N ASN A 178 -7.91 -15.05 -8.35
CA ASN A 178 -8.01 -15.09 -9.81
C ASN A 178 -7.54 -16.44 -10.28
N CYS A 179 -8.48 -17.24 -10.72
CA CYS A 179 -8.24 -18.62 -11.10
C CYS A 179 -7.86 -18.74 -12.56
N ALA A 180 -8.80 -18.93 -13.48
CA ALA A 180 -8.44 -19.04 -14.87
C ALA A 180 -9.03 -17.92 -15.73
N ASN A 181 -9.00 -18.08 -17.05
CA ASN A 181 -9.16 -16.99 -17.97
C ASN A 181 -10.07 -17.18 -19.16
N GLY A 182 -10.20 -16.10 -19.92
CA GLY A 182 -10.87 -16.04 -21.20
C GLY A 182 -10.16 -14.99 -22.06
N LYS A 183 -10.20 -15.15 -23.38
CA LYS A 183 -9.61 -14.22 -24.33
C LYS A 183 -10.72 -13.87 -25.28
N THR A 184 -11.08 -12.59 -25.39
CA THR A 184 -12.19 -12.20 -26.27
C THR A 184 -11.72 -11.87 -27.68
N PRO A 185 -12.65 -11.93 -28.67
CA PRO A 185 -12.34 -11.55 -30.04
C PRO A 185 -12.33 -10.02 -30.26
N TRP A 186 -12.43 -9.22 -29.18
CA TRP A 186 -12.33 -7.76 -29.25
C TRP A 186 -11.11 -7.26 -28.46
N GLY A 187 -10.06 -8.10 -28.38
CA GLY A 187 -8.77 -7.74 -27.79
C GLY A 187 -8.74 -7.54 -26.29
N THR A 188 -9.58 -8.25 -25.51
CA THR A 188 -9.57 -8.10 -24.06
C THR A 188 -9.39 -9.45 -23.37
N TYR A 189 -9.05 -9.36 -22.09
CA TYR A 189 -8.76 -10.50 -21.24
C TYR A 189 -9.84 -10.64 -20.19
N LEU A 190 -10.28 -11.87 -19.94
CA LEU A 190 -11.24 -12.14 -18.88
C LEU A 190 -10.52 -12.90 -17.77
N THR A 191 -10.63 -12.42 -16.53
CA THR A 191 -10.07 -13.08 -15.36
C THR A 191 -11.24 -13.48 -14.47
N CYS A 192 -11.13 -14.65 -13.85
CA CYS A 192 -12.21 -15.27 -13.11
C CYS A 192 -11.93 -15.35 -11.64
N GLU A 193 -12.83 -14.81 -10.81
CA GLU A 193 -12.72 -14.86 -9.35
C GLU A 193 -13.36 -16.15 -8.88
N GLU A 194 -12.56 -17.06 -8.30
CA GLU A 194 -13.03 -18.37 -7.90
C GLU A 194 -13.30 -18.48 -6.40
N ASN A 195 -12.30 -18.84 -5.57
CA ASN A 195 -12.51 -19.05 -4.14
C ASN A 195 -12.45 -17.76 -3.34
N PHE A 196 -13.16 -16.74 -3.81
CA PHE A 196 -13.21 -15.41 -3.21
C PHE A 196 -13.77 -15.44 -1.79
N THR A 197 -14.74 -16.34 -1.52
CA THR A 197 -15.37 -16.44 -0.21
C THR A 197 -14.40 -16.82 0.90
N ASP A 198 -13.32 -17.54 0.57
CA ASP A 198 -12.31 -17.95 1.53
C ASP A 198 -11.68 -16.77 2.27
N CYS A 199 -11.62 -15.60 1.61
CA CYS A 199 -10.99 -14.39 2.13
C CYS A 199 -11.81 -13.62 3.14
N PHE A 200 -13.09 -13.96 3.31
CA PHE A 200 -13.98 -13.25 4.20
C PHE A 200 -14.13 -13.95 5.52
N GLY A 201 -14.33 -13.20 6.59
CA GLY A 201 -14.59 -13.74 7.90
C GLY A 201 -15.49 -12.79 8.65
N SER A 202 -15.54 -12.93 9.97
CA SER A 202 -16.35 -12.04 10.78
C SER A 202 -15.73 -11.84 12.14
N SER A 203 -15.82 -10.61 12.68
CA SER A 203 -15.37 -10.30 14.03
C SER A 203 -16.40 -10.84 15.02
N ASN A 204 -17.60 -11.24 14.52
CA ASN A 204 -18.64 -11.91 15.29
C ASN A 204 -18.55 -13.39 14.92
N ALA A 205 -17.88 -14.18 15.76
CA ALA A 205 -17.71 -15.63 15.57
C ALA A 205 -19.06 -16.36 15.50
N GLN A 206 -20.11 -15.80 16.14
CA GLN A 206 -21.45 -16.36 16.16
C GLN A 206 -22.36 -15.69 15.10
N GLN A 207 -21.77 -15.10 14.03
CA GLN A 207 -22.58 -14.47 13.01
C GLN A 207 -23.45 -15.52 12.32
N GLN A 208 -24.73 -15.17 12.16
CA GLN A 208 -25.73 -16.02 11.55
C GLN A 208 -25.85 -15.59 10.11
N PHE A 209 -25.35 -16.45 9.20
CA PHE A 209 -25.36 -16.18 7.77
C PHE A 209 -26.69 -16.59 7.13
N ASP A 210 -27.12 -15.82 6.12
CA ASP A 210 -28.38 -16.01 5.38
C ASP A 210 -28.24 -17.16 4.36
N PRO A 211 -29.34 -17.61 3.73
CA PRO A 211 -29.24 -18.73 2.77
C PRO A 211 -28.27 -18.52 1.61
N ALA A 212 -28.20 -17.30 1.06
CA ALA A 212 -27.27 -17.00 -0.04
C ALA A 212 -25.83 -17.03 0.46
N GLN A 213 -25.58 -16.47 1.65
CA GLN A 213 -24.24 -16.48 2.23
C GLN A 213 -23.79 -17.91 2.52
N LYS A 214 -24.69 -18.77 3.07
CA LYS A 214 -24.39 -20.17 3.35
C LYS A 214 -24.11 -20.97 2.08
N ARG A 215 -24.91 -20.75 1.02
CA ARG A 215 -24.73 -21.46 -0.25
C ARG A 215 -23.38 -21.15 -0.90
N TYR A 216 -22.86 -19.93 -0.70
CA TYR A 216 -21.57 -19.55 -1.27
C TYR A 216 -20.39 -20.01 -0.37
N GLY A 217 -20.67 -20.61 0.80
CA GLY A 217 -19.68 -21.23 1.67
C GLY A 217 -18.87 -20.30 2.54
N VAL A 218 -19.41 -19.13 2.89
CA VAL A 218 -18.68 -18.21 3.74
C VAL A 218 -18.74 -18.66 5.21
N SER A 219 -17.72 -18.33 6.01
CA SER A 219 -17.64 -18.69 7.42
C SER A 219 -17.05 -17.51 8.19
N ALA A 220 -17.28 -17.46 9.49
CA ALA A 220 -16.74 -16.38 10.33
C ALA A 220 -15.21 -16.45 10.47
N ALA A 221 -14.64 -17.64 10.47
CA ALA A 221 -13.20 -17.81 10.64
C ALA A 221 -12.40 -17.53 9.38
N SER A 222 -13.02 -17.58 8.18
CA SER A 222 -12.37 -17.52 6.87
C SER A 222 -11.70 -18.86 6.63
N ARG A 223 -11.30 -19.19 5.37
CA ARG A 223 -10.67 -20.48 5.09
C ARG A 223 -9.16 -20.32 5.23
N GLU A 224 -8.68 -20.11 6.46
CA GLU A 224 -7.27 -19.94 6.79
C GLU A 224 -6.60 -18.75 6.06
N ILE A 225 -7.39 -17.71 5.72
CA ILE A 225 -6.87 -16.52 5.04
C ILE A 225 -6.60 -15.46 6.10
N ASN A 226 -7.59 -15.17 6.94
CA ASN A 226 -7.47 -14.30 8.09
C ASN A 226 -6.98 -12.88 7.80
N TRP A 227 -7.67 -12.22 6.86
CA TRP A 227 -7.45 -10.83 6.51
C TRP A 227 -8.35 -9.92 7.34
N HIS A 228 -9.59 -10.37 7.62
CA HIS A 228 -10.60 -9.62 8.37
C HIS A 228 -10.18 -9.00 9.72
N PRO A 229 -9.26 -9.62 10.50
CA PRO A 229 -8.86 -8.94 11.75
C PRO A 229 -8.06 -7.65 11.54
N PHE A 230 -7.50 -7.43 10.34
CA PHE A 230 -6.69 -6.24 10.03
C PHE A 230 -7.30 -5.29 9.01
N ASP A 231 -8.17 -5.78 8.11
CA ASP A 231 -8.83 -4.95 7.12
C ASP A 231 -10.33 -5.25 7.23
N PRO A 232 -11.14 -4.29 7.76
CA PRO A 232 -12.56 -4.54 7.95
C PRO A 232 -13.37 -4.73 6.67
N ARG A 233 -12.79 -4.48 5.48
CA ARG A 233 -13.46 -4.73 4.22
C ARG A 233 -13.84 -6.21 4.10
N PHE A 234 -13.06 -7.12 4.72
CA PHE A 234 -13.29 -8.56 4.70
C PHE A 234 -14.06 -9.07 5.92
N ASP A 235 -14.53 -8.16 6.79
CA ASP A 235 -15.28 -8.49 8.00
C ASP A 235 -16.77 -8.38 7.67
N MET A 236 -17.43 -9.53 7.59
CA MET A 236 -18.86 -9.63 7.29
C MET A 236 -19.79 -9.00 8.32
N ALA A 237 -19.32 -8.80 9.56
CA ALA A 237 -20.14 -8.13 10.58
C ALA A 237 -20.25 -6.63 10.28
N LYS A 238 -19.28 -6.06 9.53
CA LYS A 238 -19.24 -4.64 9.21
C LYS A 238 -19.57 -4.33 7.75
N ASN A 239 -19.12 -5.17 6.80
CA ASN A 239 -19.33 -4.93 5.37
C ASN A 239 -19.84 -6.19 4.68
N PRO A 240 -21.03 -6.69 5.07
CA PRO A 240 -21.57 -7.93 4.47
C PRO A 240 -21.72 -7.88 2.94
N ASN A 241 -22.09 -6.71 2.38
CA ASN A 241 -22.26 -6.59 0.93
C ASN A 241 -20.95 -6.69 0.16
N GLU A 242 -19.78 -6.56 0.83
CA GLU A 242 -18.51 -6.75 0.13
C GLU A 242 -18.44 -8.15 -0.48
N LEU A 243 -19.07 -9.16 0.16
CA LEU A 243 -19.11 -10.52 -0.37
C LEU A 243 -19.78 -10.58 -1.76
N ASN A 244 -20.72 -9.67 -2.05
CA ASN A 244 -21.42 -9.63 -3.33
C ASN A 244 -20.65 -8.95 -4.44
N ARG A 245 -19.59 -8.19 -4.09
CA ARG A 245 -18.78 -7.45 -5.05
C ARG A 245 -17.59 -8.26 -5.59
N HIS A 246 -17.54 -9.56 -5.25
CA HIS A 246 -16.54 -10.49 -5.71
C HIS A 246 -17.22 -11.78 -6.14
N GLY A 247 -16.52 -12.59 -6.94
CA GLY A 247 -17.06 -13.81 -7.53
C GLY A 247 -17.59 -13.52 -8.92
N TRP A 248 -16.95 -12.61 -9.66
CA TRP A 248 -17.38 -12.23 -11.00
C TRP A 248 -16.28 -12.46 -12.02
N VAL A 249 -16.65 -12.37 -13.30
CA VAL A 249 -15.72 -12.39 -14.42
C VAL A 249 -15.35 -10.93 -14.61
N VAL A 250 -14.05 -10.62 -14.67
CA VAL A 250 -13.54 -9.26 -14.78
C VAL A 250 -12.84 -9.10 -16.12
N GLU A 251 -13.18 -8.03 -16.83
CA GLU A 251 -12.64 -7.75 -18.16
C GLU A 251 -11.52 -6.73 -18.06
N ILE A 252 -10.35 -7.06 -18.64
CA ILE A 252 -9.15 -6.23 -18.61
C ILE A 252 -8.70 -5.93 -20.04
N ASP A 253 -8.25 -4.70 -20.30
CA ASP A 253 -7.69 -4.30 -21.58
C ASP A 253 -6.16 -4.33 -21.39
N PRO A 254 -5.46 -5.38 -21.86
CA PRO A 254 -4.01 -5.42 -21.65
C PRO A 254 -3.23 -4.35 -22.43
N PHE A 255 -3.80 -3.79 -23.50
CA PHE A 255 -3.16 -2.76 -24.30
C PHE A 255 -3.27 -1.35 -23.74
N ASP A 256 -4.03 -1.14 -22.65
CA ASP A 256 -4.16 0.17 -22.01
C ASP A 256 -3.76 0.02 -20.54
N PRO A 257 -2.50 0.35 -20.18
CA PRO A 257 -2.06 0.18 -18.79
C PRO A 257 -2.74 1.11 -17.76
N GLN A 258 -3.47 2.15 -18.19
CA GLN A 258 -4.19 3.06 -17.30
C GLN A 258 -5.70 2.73 -17.26
N SER A 259 -6.17 1.69 -18.00
CA SER A 259 -7.59 1.33 -18.04
C SER A 259 -8.07 0.76 -16.72
N THR A 260 -9.36 0.96 -16.43
CA THR A 260 -9.97 0.45 -15.21
C THR A 260 -10.66 -0.88 -15.55
N PRO A 261 -10.25 -2.00 -14.93
CA PRO A 261 -10.94 -3.27 -15.23
C PRO A 261 -12.39 -3.24 -14.78
N VAL A 262 -13.23 -4.04 -15.45
CA VAL A 262 -14.67 -4.03 -15.22
C VAL A 262 -15.21 -5.40 -14.83
N LYS A 263 -15.93 -5.48 -13.69
CA LYS A 263 -16.58 -6.72 -13.26
C LYS A 263 -17.88 -6.81 -14.07
N ARG A 264 -18.01 -7.87 -14.87
CA ARG A 264 -19.15 -8.06 -15.77
C ARG A 264 -20.23 -8.88 -15.09
N THR A 265 -21.17 -8.19 -14.42
CA THR A 265 -22.22 -8.85 -13.65
C THR A 265 -23.24 -9.64 -14.46
N ALA A 266 -23.35 -9.38 -15.77
CA ALA A 266 -24.27 -10.16 -16.61
C ALA A 266 -23.88 -11.64 -16.68
N LEU A 267 -22.58 -11.96 -16.44
CA LEU A 267 -22.08 -13.33 -16.49
C LEU A 267 -22.32 -14.13 -15.20
N GLY A 268 -22.94 -13.51 -14.16
CA GLY A 268 -23.32 -14.19 -12.94
C GLY A 268 -22.21 -14.24 -11.91
N ARG A 269 -22.61 -14.44 -10.64
CA ARG A 269 -21.69 -14.53 -9.52
C ARG A 269 -21.64 -15.96 -9.02
N PHE A 270 -20.43 -16.52 -8.98
CA PHE A 270 -20.16 -17.86 -8.48
C PHE A 270 -18.64 -18.05 -8.43
N LYS A 271 -18.15 -19.26 -8.12
CA LYS A 271 -16.71 -19.48 -8.02
C LYS A 271 -16.21 -19.85 -9.41
N HIS A 272 -16.06 -18.80 -10.24
CA HIS A 272 -15.68 -18.94 -11.64
C HIS A 272 -14.29 -19.51 -11.83
N GLU A 273 -14.16 -20.56 -12.66
CA GLU A 273 -12.86 -21.13 -12.97
C GLU A 273 -12.32 -20.39 -14.21
N ASN A 274 -12.91 -20.61 -15.39
CA ASN A 274 -12.48 -19.93 -16.62
C ASN A 274 -13.70 -19.47 -17.42
N ALA A 275 -13.45 -18.84 -18.57
CA ALA A 275 -14.50 -18.28 -19.42
C ALA A 275 -14.16 -18.63 -20.85
N ALA A 276 -14.84 -19.62 -21.43
CA ALA A 276 -14.55 -20.10 -22.78
C ALA A 276 -15.38 -19.38 -23.82
N LEU A 277 -14.72 -18.67 -24.74
CA LEU A 277 -15.41 -17.89 -25.77
C LEU A 277 -15.79 -18.71 -27.00
N ALA A 278 -16.99 -18.45 -27.51
CA ALA A 278 -17.50 -19.03 -28.74
C ALA A 278 -18.43 -17.99 -29.37
N GLU A 279 -19.06 -18.31 -30.49
CA GLU A 279 -19.94 -17.39 -31.19
C GLU A 279 -21.13 -18.16 -31.75
N THR A 280 -22.32 -17.56 -31.69
CA THR A 280 -23.52 -18.19 -32.25
C THR A 280 -23.48 -18.06 -33.78
N ASP A 281 -24.35 -18.78 -34.48
CA ASP A 281 -24.42 -18.67 -35.93
C ASP A 281 -24.89 -17.27 -36.35
N ASP A 282 -25.71 -16.59 -35.52
CA ASP A 282 -26.15 -15.22 -35.81
C ASP A 282 -25.18 -14.13 -35.26
N GLY A 283 -23.93 -14.51 -34.88
CA GLY A 283 -22.87 -13.58 -34.52
C GLY A 283 -22.77 -13.06 -33.09
N ARG A 284 -23.50 -13.65 -32.14
CA ARG A 284 -23.48 -13.21 -30.75
C ARG A 284 -22.41 -13.92 -29.94
N ALA A 285 -21.82 -13.24 -28.96
CA ALA A 285 -20.78 -13.84 -28.13
C ALA A 285 -21.35 -14.87 -27.19
N VAL A 286 -20.62 -15.99 -26.99
CA VAL A 286 -21.00 -17.05 -26.08
C VAL A 286 -19.85 -17.26 -25.10
N VAL A 287 -20.14 -17.36 -23.80
CA VAL A 287 -19.13 -17.59 -22.78
C VAL A 287 -19.55 -18.77 -21.92
N TYR A 288 -18.86 -19.92 -22.05
CA TYR A 288 -19.14 -21.09 -21.22
C TYR A 288 -18.31 -20.96 -19.95
N MET A 289 -18.93 -21.23 -18.79
CA MET A 289 -18.32 -21.01 -17.49
C MET A 289 -18.61 -22.11 -16.48
N GLY A 290 -17.58 -22.61 -15.81
CA GLY A 290 -17.73 -23.60 -14.75
C GLY A 290 -17.69 -22.93 -13.38
N ASP A 291 -18.45 -23.49 -12.42
CA ASP A 291 -18.47 -23.05 -11.03
C ASP A 291 -17.77 -24.15 -10.26
N ASP A 292 -16.50 -23.94 -9.86
CA ASP A 292 -15.77 -25.00 -9.19
C ASP A 292 -16.08 -25.17 -7.73
N GLU A 293 -16.97 -26.10 -7.44
CA GLU A 293 -17.27 -26.54 -6.11
C GLU A 293 -18.01 -27.86 -6.25
N ARG A 294 -17.83 -28.79 -5.29
CA ARG A 294 -18.49 -30.10 -5.36
CA ARG A 294 -18.49 -30.09 -5.35
C ARG A 294 -20.00 -29.91 -5.48
N GLY A 295 -20.61 -30.48 -6.51
CA GLY A 295 -22.05 -30.40 -6.70
C GLY A 295 -22.59 -29.09 -7.27
N GLU A 296 -21.71 -28.24 -7.86
CA GLU A 296 -22.16 -26.99 -8.46
C GLU A 296 -22.32 -27.16 -9.98
N PHE A 297 -22.64 -26.07 -10.69
CA PHE A 297 -23.07 -26.12 -12.07
C PHE A 297 -22.15 -25.54 -13.15
N ILE A 298 -22.57 -25.78 -14.41
CA ILE A 298 -21.93 -25.27 -15.62
C ILE A 298 -22.91 -24.25 -16.20
N TYR A 299 -22.39 -23.07 -16.56
CA TYR A 299 -23.18 -21.95 -17.06
C TYR A 299 -22.78 -21.55 -18.46
N LYS A 300 -23.64 -20.76 -19.10
CA LYS A 300 -23.44 -20.28 -20.47
C LYS A 300 -24.07 -18.91 -20.60
N PHE A 301 -23.27 -17.91 -21.00
CA PHE A 301 -23.77 -16.56 -21.24
C PHE A 301 -23.79 -16.34 -22.74
N VAL A 302 -24.88 -15.74 -23.25
CA VAL A 302 -25.01 -15.41 -24.66
C VAL A 302 -25.29 -13.92 -24.73
N SER A 303 -24.47 -13.15 -25.45
CA SER A 303 -24.69 -11.71 -25.55
C SER A 303 -25.95 -11.37 -26.32
N ARG A 304 -26.48 -10.19 -26.08
CA ARG A 304 -27.66 -9.70 -26.77
C ARG A 304 -27.26 -9.25 -28.17
N ASP A 305 -26.17 -8.47 -28.26
CA ASP A 305 -25.70 -7.92 -29.53
C ASP A 305 -24.64 -8.76 -30.22
N LYS A 306 -24.48 -8.53 -31.53
CA LYS A 306 -23.53 -9.26 -32.36
C LYS A 306 -22.12 -8.72 -32.17
N ILE A 307 -21.12 -9.59 -32.28
CA ILE A 307 -19.73 -9.18 -32.20
C ILE A 307 -19.38 -8.41 -33.47
N ASN A 308 -18.74 -7.25 -33.31
CA ASN A 308 -18.21 -6.48 -34.43
C ASN A 308 -16.74 -6.88 -34.47
N HIS A 309 -16.35 -7.82 -35.31
CA HIS A 309 -14.97 -8.29 -35.32
C HIS A 309 -13.97 -7.28 -35.84
N ARG A 310 -14.41 -6.33 -36.67
CA ARG A 310 -13.51 -5.39 -37.32
C ARG A 310 -13.40 -4.06 -36.60
N ASN A 311 -14.29 -3.78 -35.63
CA ASN A 311 -14.24 -2.60 -34.78
C ASN A 311 -14.24 -3.10 -33.35
N ALA A 312 -13.04 -3.37 -32.81
CA ALA A 312 -12.89 -3.93 -31.46
C ALA A 312 -13.60 -3.10 -30.40
N LYS A 313 -13.40 -1.77 -30.42
CA LYS A 313 -14.00 -0.88 -29.41
C LYS A 313 -15.52 -0.78 -29.48
N ALA A 314 -16.16 -1.16 -30.60
CA ALA A 314 -17.62 -1.18 -30.68
C ALA A 314 -18.23 -2.26 -29.76
N ASN A 315 -17.42 -3.24 -29.29
CA ASN A 315 -17.87 -4.30 -28.38
C ASN A 315 -17.54 -3.97 -26.93
N ARG A 316 -17.17 -2.71 -26.61
CA ARG A 316 -16.76 -2.30 -25.27
C ARG A 316 -17.58 -2.95 -24.16
N ASP A 317 -18.91 -2.84 -24.24
CA ASP A 317 -19.81 -3.36 -23.21
C ASP A 317 -20.73 -4.47 -23.71
N ILE A 318 -20.25 -5.28 -24.68
CA ILE A 318 -21.03 -6.41 -25.20
C ILE A 318 -21.39 -7.41 -24.08
N LEU A 319 -20.51 -7.56 -23.08
CA LEU A 319 -20.77 -8.48 -21.97
C LEU A 319 -21.71 -7.93 -20.89
N ASP A 320 -22.30 -6.73 -21.07
CA ASP A 320 -23.28 -6.19 -20.12
C ASP A 320 -24.71 -6.55 -20.48
N HIS A 321 -24.97 -7.02 -21.70
CA HIS A 321 -26.33 -7.33 -22.14
C HIS A 321 -26.38 -8.72 -22.72
N GLY A 322 -27.30 -9.55 -22.25
CA GLY A 322 -27.43 -10.90 -22.75
C GLY A 322 -28.29 -11.75 -21.86
N THR A 323 -28.09 -13.07 -21.95
CA THR A 323 -28.85 -14.06 -21.20
C THR A 323 -27.91 -15.06 -20.58
N LEU A 324 -28.14 -15.40 -19.31
CA LEU A 324 -27.34 -16.40 -18.58
C LEU A 324 -28.15 -17.68 -18.50
N TYR A 325 -27.53 -18.82 -18.82
CA TYR A 325 -28.15 -20.12 -18.77
C TYR A 325 -27.34 -21.04 -17.88
N VAL A 326 -27.95 -22.15 -17.44
CA VAL A 326 -27.29 -23.17 -16.64
C VAL A 326 -27.63 -24.54 -17.24
N ALA A 327 -26.71 -25.49 -17.13
CA ALA A 327 -26.86 -26.81 -17.75
C ALA A 327 -27.57 -27.84 -16.92
N ARG A 328 -28.35 -28.67 -17.61
CA ARG A 328 -28.93 -29.89 -17.08
C ARG A 328 -28.45 -31.00 -18.02
N PHE A 329 -28.02 -32.12 -17.46
CA PHE A 329 -27.54 -33.27 -18.22
C PHE A 329 -28.42 -34.44 -17.88
N ASP A 330 -28.85 -35.21 -18.89
CA ASP A 330 -29.70 -36.38 -18.64
C ASP A 330 -28.86 -37.54 -18.07
N ALA A 331 -29.52 -38.66 -17.79
CA ALA A 331 -28.88 -39.86 -17.23
C ALA A 331 -27.93 -40.56 -18.21
N GLY A 332 -28.07 -40.28 -19.53
CA GLY A 332 -27.24 -40.88 -20.55
C GLY A 332 -27.63 -42.34 -20.80
N ASP A 333 -26.82 -43.07 -21.55
CA ASP A 333 -27.08 -44.46 -21.90
C ASP A 333 -26.53 -45.47 -20.89
N GLY A 334 -25.80 -45.01 -19.85
CA GLY A 334 -25.25 -45.89 -18.83
C GLY A 334 -24.06 -46.73 -19.30
N ASN A 335 -23.44 -46.40 -20.45
CA ASN A 335 -22.28 -47.16 -20.93
C ASN A 335 -21.15 -46.96 -19.90
N PRO A 336 -20.56 -48.05 -19.38
CA PRO A 336 -19.52 -47.92 -18.35
C PRO A 336 -18.22 -47.26 -18.82
N ASP A 337 -17.91 -47.36 -20.12
CA ASP A 337 -16.67 -46.83 -20.67
C ASP A 337 -16.86 -45.44 -21.27
N HIS A 338 -17.84 -45.29 -22.16
CA HIS A 338 -18.06 -44.03 -22.88
C HIS A 338 -19.55 -43.63 -22.82
N PRO A 339 -20.02 -43.16 -21.64
CA PRO A 339 -21.42 -42.76 -21.51
C PRO A 339 -21.71 -41.53 -22.34
N LYS A 340 -22.91 -41.47 -22.93
CA LYS A 340 -23.34 -40.35 -23.73
C LYS A 340 -24.81 -40.11 -23.58
N GLY A 341 -25.23 -38.88 -23.82
CA GLY A 341 -26.62 -38.50 -23.66
C GLY A 341 -26.89 -37.11 -24.20
N GLN A 342 -28.01 -36.53 -23.79
CA GLN A 342 -28.42 -35.18 -24.16
C GLN A 342 -28.46 -34.31 -22.93
N GLY A 343 -28.35 -33.00 -23.15
CA GLY A 343 -28.45 -32.02 -22.09
C GLY A 343 -29.08 -30.76 -22.64
N GLN A 344 -29.31 -29.79 -21.76
CA GLN A 344 -29.96 -28.55 -22.15
C GLN A 344 -29.47 -27.37 -21.36
N TRP A 345 -29.72 -26.17 -21.90
CA TRP A 345 -29.40 -24.90 -21.28
C TRP A 345 -30.73 -24.32 -20.80
N ILE A 346 -30.82 -23.99 -19.51
CA ILE A 346 -32.03 -23.45 -18.89
C ILE A 346 -31.75 -22.02 -18.49
N GLU A 347 -32.61 -21.11 -18.92
CA GLU A 347 -32.43 -19.69 -18.72
C GLU A 347 -32.61 -19.21 -17.28
N LEU A 348 -31.64 -18.39 -16.81
CA LEU A 348 -31.68 -17.80 -15.48
C LEU A 348 -32.12 -16.36 -15.62
N THR A 349 -33.44 -16.19 -15.79
CA THR A 349 -34.06 -14.89 -15.94
C THR A 349 -35.22 -14.77 -14.99
N HIS A 350 -35.31 -13.63 -14.31
CA HIS A 350 -36.41 -13.34 -13.41
C HIS A 350 -37.69 -13.30 -14.24
N GLY A 351 -38.71 -14.06 -13.82
CA GLY A 351 -39.98 -14.15 -14.53
C GLY A 351 -40.06 -15.39 -15.43
N LYS A 352 -39.04 -16.28 -15.39
CA LYS A 352 -39.02 -17.52 -16.17
C LYS A 352 -38.56 -18.66 -15.30
N ASN A 353 -38.97 -19.89 -15.66
CA ASN A 353 -38.54 -21.12 -15.02
C ASN A 353 -38.69 -21.16 -13.49
N GLY A 354 -39.70 -20.46 -12.94
CA GLY A 354 -39.95 -20.44 -11.49
C GLY A 354 -39.07 -19.47 -10.70
N ILE A 355 -38.28 -18.61 -11.40
CA ILE A 355 -37.41 -17.63 -10.75
C ILE A 355 -38.23 -16.35 -10.64
N ASP A 356 -38.70 -16.02 -9.44
CA ASP A 356 -39.52 -14.84 -9.21
C ASP A 356 -39.57 -14.56 -7.70
N ALA A 357 -40.39 -13.60 -7.27
CA ALA A 357 -40.53 -13.27 -5.84
C ALA A 357 -40.92 -14.49 -4.97
N SER A 358 -41.71 -15.44 -5.52
CA SER A 358 -42.11 -16.64 -4.78
C SER A 358 -40.94 -17.57 -4.43
N SER A 359 -39.83 -17.53 -5.22
CA SER A 359 -38.63 -18.32 -4.95
C SER A 359 -37.47 -17.46 -4.41
N GLY A 360 -37.77 -16.23 -3.92
CA GLY A 360 -36.80 -15.35 -3.27
C GLY A 360 -36.03 -14.37 -4.16
N PHE A 361 -36.49 -14.08 -5.40
CA PHE A 361 -35.81 -13.15 -6.31
C PHE A 361 -36.69 -11.96 -6.63
N ALA A 362 -36.28 -10.76 -6.23
CA ALA A 362 -37.05 -9.54 -6.48
C ALA A 362 -36.82 -9.00 -7.88
N ASP A 363 -35.62 -9.19 -8.43
CA ASP A 363 -35.25 -8.65 -9.74
C ASP A 363 -34.11 -9.46 -10.34
N GLN A 364 -33.70 -9.09 -11.55
CA GLN A 364 -32.62 -9.80 -12.23
C GLN A 364 -31.25 -9.62 -11.58
N ALA A 365 -30.97 -8.45 -10.96
CA ALA A 365 -29.70 -8.26 -10.27
C ALA A 365 -29.52 -9.33 -9.20
N GLU A 366 -30.60 -9.63 -8.43
CA GLU A 366 -30.53 -10.67 -7.39
CA GLU A 366 -30.55 -10.67 -7.39
C GLU A 366 -30.31 -12.05 -7.99
N VAL A 367 -30.90 -12.33 -9.16
CA VAL A 367 -30.73 -13.61 -9.84
C VAL A 367 -29.24 -13.80 -10.18
N LEU A 368 -28.57 -12.74 -10.66
CA LEU A 368 -27.15 -12.81 -11.03
C LEU A 368 -26.23 -12.87 -9.81
N ILE A 369 -26.50 -12.04 -8.79
CA ILE A 369 -25.71 -12.04 -7.54
C ILE A 369 -25.81 -13.42 -6.85
N HIS A 370 -27.01 -14.04 -6.89
CA HIS A 370 -27.27 -15.35 -6.29
C HIS A 370 -27.54 -16.39 -7.37
N ALA A 371 -26.72 -16.40 -8.44
CA ALA A 371 -26.88 -17.33 -9.56
C ALA A 371 -26.98 -18.79 -9.14
N ARG A 372 -26.23 -19.19 -8.10
CA ARG A 372 -26.28 -20.58 -7.60
C ARG A 372 -27.69 -20.95 -7.14
N LEU A 373 -28.35 -20.06 -6.38
CA LEU A 373 -29.71 -20.31 -5.89
C LEU A 373 -30.69 -20.35 -7.05
N ALA A 374 -30.57 -19.45 -8.03
CA ALA A 374 -31.47 -19.44 -9.20
C ALA A 374 -31.28 -20.72 -10.01
N ALA A 375 -30.04 -21.16 -10.17
CA ALA A 375 -29.77 -22.40 -10.89
C ALA A 375 -30.37 -23.63 -10.20
N SER A 376 -30.40 -23.64 -8.85
CA SER A 376 -31.03 -24.74 -8.13
C SER A 376 -32.55 -24.72 -8.36
N VAL A 377 -33.17 -23.53 -8.41
CA VAL A 377 -34.60 -23.42 -8.67
C VAL A 377 -34.98 -24.05 -10.01
N VAL A 378 -34.16 -23.83 -11.06
CA VAL A 378 -34.46 -24.36 -12.39
C VAL A 378 -34.07 -25.84 -12.59
N GLY A 379 -33.44 -26.48 -11.59
CA GLY A 379 -33.09 -27.89 -11.67
C GLY A 379 -31.83 -28.16 -12.45
N ALA A 380 -30.78 -27.34 -12.26
CA ALA A 380 -29.50 -27.57 -12.91
C ALA A 380 -28.89 -28.87 -12.35
N THR A 381 -28.08 -29.56 -13.14
CA THR A 381 -27.47 -30.82 -12.69
C THR A 381 -26.23 -30.52 -11.87
N ARG A 382 -26.18 -31.05 -10.65
CA ARG A 382 -25.02 -30.88 -9.75
C ARG A 382 -23.86 -31.66 -10.34
N MET A 383 -22.69 -31.02 -10.51
CA MET A 383 -21.54 -31.62 -11.18
C MET A 383 -20.34 -31.86 -10.29
N ASP A 384 -19.44 -32.73 -10.79
CA ASP A 384 -18.21 -33.06 -10.10
C ASP A 384 -17.12 -32.02 -10.32
N ARG A 385 -17.28 -30.85 -9.69
CA ARG A 385 -16.30 -29.77 -9.74
C ARG A 385 -15.88 -29.34 -11.15
N PRO A 386 -16.74 -28.59 -11.84
CA PRO A 386 -16.36 -28.09 -13.16
C PRO A 386 -15.19 -27.13 -13.03
N GLU A 387 -14.11 -27.40 -13.78
CA GLU A 387 -12.98 -26.49 -13.80
C GLU A 387 -12.91 -25.87 -15.20
N TRP A 388 -11.84 -26.03 -15.97
CA TRP A 388 -11.73 -25.32 -17.23
C TRP A 388 -12.59 -25.86 -18.33
N ILE A 389 -13.06 -24.96 -19.19
CA ILE A 389 -13.82 -25.25 -20.37
C ILE A 389 -13.07 -24.70 -21.58
N VAL A 390 -13.02 -25.48 -22.67
CA VAL A 390 -12.40 -25.04 -23.92
C VAL A 390 -13.31 -25.40 -25.09
N VAL A 391 -13.21 -24.62 -26.16
CA VAL A 391 -14.00 -24.81 -27.37
C VAL A 391 -13.03 -25.14 -28.48
N SER A 392 -13.25 -26.27 -29.18
CA SER A 392 -12.35 -26.66 -30.27
C SER A 392 -12.36 -25.63 -31.39
N PRO A 393 -11.18 -25.15 -31.82
CA PRO A 393 -11.15 -24.21 -32.94
C PRO A 393 -11.39 -24.91 -34.29
N LYS A 394 -11.40 -26.27 -34.33
CA LYS A 394 -11.63 -27.05 -35.54
C LYS A 394 -13.09 -27.41 -35.76
N ASP A 395 -13.80 -27.90 -34.72
CA ASP A 395 -15.20 -28.30 -34.87
C ASP A 395 -16.18 -27.69 -33.86
N GLY A 396 -15.72 -26.80 -32.96
CA GLY A 396 -16.60 -26.15 -32.00
C GLY A 396 -17.09 -27.00 -30.84
N GLN A 397 -16.65 -28.27 -30.71
CA GLN A 397 -17.08 -29.10 -29.57
C GLN A 397 -16.48 -28.52 -28.29
N VAL A 398 -17.24 -28.61 -27.20
CA VAL A 398 -16.87 -28.01 -25.91
C VAL A 398 -16.42 -29.08 -24.94
N TYR A 399 -15.30 -28.82 -24.23
CA TYR A 399 -14.69 -29.76 -23.30
C TYR A 399 -14.62 -29.12 -21.93
N CYS A 400 -14.97 -29.86 -20.87
CA CYS A 400 -15.00 -29.36 -19.51
C CYS A 400 -14.39 -30.37 -18.57
N THR A 401 -13.41 -29.99 -17.75
CA THR A 401 -12.89 -30.92 -16.77
C THR A 401 -13.84 -30.95 -15.57
N LEU A 402 -14.06 -32.15 -15.04
CA LEU A 402 -14.84 -32.40 -13.84
C LEU A 402 -13.76 -33.03 -12.97
N THR A 403 -13.01 -32.20 -12.24
CA THR A 403 -11.78 -32.62 -11.59
C THR A 403 -11.86 -33.80 -10.66
N ASN A 404 -12.90 -33.86 -9.83
CA ASN A 404 -13.15 -34.95 -8.88
C ASN A 404 -14.35 -34.56 -8.03
N ASN A 405 -14.82 -35.47 -7.19
CA ASN A 405 -15.91 -35.21 -6.26
C ASN A 405 -15.97 -36.34 -5.25
N ALA A 406 -15.25 -36.18 -4.14
CA ALA A 406 -15.22 -37.17 -3.06
C ALA A 406 -16.61 -37.38 -2.42
N LYS A 407 -17.53 -36.42 -2.57
CA LYS A 407 -18.88 -36.51 -2.00
C LYS A 407 -19.92 -37.04 -2.99
N ARG A 408 -19.55 -37.40 -4.24
CA ARG A 408 -20.51 -37.96 -5.18
C ARG A 408 -21.06 -39.25 -4.57
N GLY A 409 -22.39 -39.42 -4.56
CA GLY A 409 -23.04 -40.57 -3.94
C GLY A 409 -23.76 -40.18 -2.65
N GLU A 410 -23.35 -39.06 -1.98
CA GLU A 410 -24.02 -38.65 -0.75
CA GLU A 410 -24.01 -38.60 -0.75
C GLU A 410 -25.41 -38.11 -1.08
N ASP A 411 -26.26 -37.95 -0.06
CA ASP A 411 -27.63 -37.47 -0.26
C ASP A 411 -27.62 -36.12 -0.98
N GLY A 412 -28.30 -36.02 -2.13
CA GLY A 412 -28.36 -34.80 -2.93
C GLY A 412 -27.41 -34.80 -4.13
N GLN A 413 -26.43 -35.74 -4.19
CA GLN A 413 -25.49 -35.85 -5.30
C GLN A 413 -25.51 -37.28 -5.81
N PRO A 414 -26.59 -37.68 -6.50
CA PRO A 414 -26.69 -39.06 -6.98
C PRO A 414 -25.72 -39.38 -8.11
N VAL A 415 -25.35 -40.65 -8.22
CA VAL A 415 -24.46 -41.15 -9.26
C VAL A 415 -25.29 -41.26 -10.55
N GLY A 416 -24.76 -40.76 -11.67
CA GLY A 416 -25.46 -40.85 -12.94
C GLY A 416 -24.91 -39.93 -14.01
N GLY A 417 -25.21 -40.23 -15.28
CA GLY A 417 -24.83 -39.45 -16.45
C GLY A 417 -23.35 -39.06 -16.48
N PRO A 418 -23.04 -37.75 -16.55
CA PRO A 418 -21.64 -37.30 -16.60
C PRO A 418 -20.86 -37.39 -15.28
N ASN A 419 -21.50 -37.86 -14.18
CA ASN A 419 -20.86 -38.04 -12.87
C ASN A 419 -21.12 -39.51 -12.47
N PRO A 420 -20.46 -40.46 -13.18
CA PRO A 420 -20.76 -41.89 -13.04
C PRO A 420 -20.21 -42.66 -11.85
N ARG A 421 -19.40 -42.06 -10.97
CA ARG A 421 -18.81 -42.81 -9.87
C ARG A 421 -18.96 -42.12 -8.53
N GLU A 422 -19.33 -42.91 -7.51
CA GLU A 422 -19.38 -42.41 -6.14
C GLU A 422 -17.95 -42.15 -5.67
N LYS A 423 -17.77 -41.26 -4.69
CA LYS A 423 -16.46 -41.00 -4.09
C LYS A 423 -15.38 -40.88 -5.17
N ASN A 424 -15.62 -39.98 -6.11
CA ASN A 424 -14.78 -39.76 -7.27
C ASN A 424 -13.48 -39.05 -6.92
N VAL A 425 -12.36 -39.79 -6.91
CA VAL A 425 -11.05 -39.22 -6.59
C VAL A 425 -10.21 -38.91 -7.83
N TYR A 426 -10.65 -39.33 -9.03
CA TYR A 426 -9.86 -39.18 -10.26
C TYR A 426 -10.32 -38.10 -11.23
N GLY A 427 -11.63 -37.93 -11.38
CA GLY A 427 -12.16 -36.95 -12.32
C GLY A 427 -12.44 -37.54 -13.70
N GLN A 428 -12.93 -36.67 -14.58
CA GLN A 428 -13.27 -37.03 -15.95
C GLN A 428 -13.33 -35.76 -16.79
N ILE A 429 -13.34 -35.90 -18.11
CA ILE A 429 -13.46 -34.76 -19.02
C ILE A 429 -14.76 -34.95 -19.76
N LEU A 430 -15.66 -33.99 -19.59
CA LEU A 430 -16.97 -33.97 -20.20
C LEU A 430 -16.88 -33.20 -21.51
N ARG A 431 -17.55 -33.69 -22.55
CA ARG A 431 -17.60 -33.01 -23.83
C ARG A 431 -19.05 -32.82 -24.23
N TRP A 432 -19.36 -31.72 -24.94
CA TRP A 432 -20.68 -31.54 -25.52
C TRP A 432 -20.58 -30.92 -26.90
N ARG A 433 -21.50 -31.34 -27.78
CA ARG A 433 -21.61 -30.84 -29.13
C ARG A 433 -22.95 -30.13 -29.22
N THR A 434 -22.91 -28.81 -29.38
CA THR A 434 -24.12 -27.98 -29.47
C THR A 434 -24.94 -28.40 -30.71
N ASP A 435 -26.27 -28.48 -30.58
CA ASP A 435 -27.11 -28.93 -31.70
C ASP A 435 -26.92 -28.08 -32.95
N ARG A 436 -26.80 -28.74 -34.11
CA ARG A 436 -26.57 -28.13 -35.43
C ARG A 436 -25.26 -27.36 -35.49
N ASP A 437 -24.33 -27.60 -34.53
CA ASP A 437 -23.07 -26.87 -34.39
C ASP A 437 -23.29 -25.36 -34.23
N ASP A 438 -24.47 -24.95 -33.73
CA ASP A 438 -24.81 -23.56 -33.45
C ASP A 438 -24.73 -23.37 -31.95
N HIS A 439 -23.82 -22.52 -31.48
CA HIS A 439 -23.70 -22.24 -30.04
C HIS A 439 -24.93 -21.53 -29.45
N ALA A 440 -25.88 -21.04 -30.29
CA ALA A 440 -27.14 -20.49 -29.77
C ALA A 440 -28.09 -21.61 -29.35
N SER A 441 -27.87 -22.87 -29.78
CA SER A 441 -28.78 -23.96 -29.45
C SER A 441 -28.92 -24.17 -27.95
N LYS A 442 -30.13 -24.51 -27.52
CA LYS A 442 -30.45 -24.75 -26.12
C LYS A 442 -30.31 -26.21 -25.73
N THR A 443 -29.93 -27.09 -26.68
CA THR A 443 -29.69 -28.51 -26.42
C THR A 443 -28.35 -28.93 -27.01
N PHE A 444 -27.82 -30.02 -26.50
CA PHE A 444 -26.55 -30.55 -26.96
C PHE A 444 -26.45 -32.05 -26.67
N ALA A 445 -25.51 -32.71 -27.34
CA ALA A 445 -25.20 -34.12 -27.13
C ALA A 445 -23.92 -34.17 -26.32
N TRP A 446 -23.94 -34.80 -25.13
CA TRP A 446 -22.76 -34.89 -24.28
C TRP A 446 -22.18 -36.29 -24.25
N ASP A 447 -20.90 -36.38 -23.89
CA ASP A 447 -20.21 -37.65 -23.71
C ASP A 447 -19.01 -37.43 -22.81
N LEU A 448 -18.54 -38.49 -22.13
CA LEU A 448 -17.35 -38.37 -21.31
C LEU A 448 -16.16 -38.73 -22.20
N PHE A 449 -15.42 -37.70 -22.63
CA PHE A 449 -14.24 -37.84 -23.47
C PHE A 449 -13.21 -38.77 -22.81
N VAL A 450 -13.05 -38.67 -21.49
CA VAL A 450 -12.19 -39.58 -20.74
C VAL A 450 -12.69 -39.64 -19.32
N VAL A 451 -12.54 -40.81 -18.69
CA VAL A 451 -12.85 -41.01 -17.30
C VAL A 451 -11.50 -41.40 -16.70
N ALA A 452 -10.91 -40.51 -15.90
CA ALA A 452 -9.61 -40.78 -15.32
C ALA A 452 -9.69 -41.91 -14.30
N GLY A 453 -8.62 -42.68 -14.18
CA GLY A 453 -8.57 -43.80 -13.25
C GLY A 453 -7.18 -44.38 -13.17
N ASN A 454 -7.04 -45.45 -12.38
CA ASN A 454 -5.76 -46.11 -12.20
C ASN A 454 -5.91 -47.59 -12.56
N PRO A 455 -5.59 -47.96 -13.82
CA PRO A 455 -5.70 -49.36 -14.23
C PRO A 455 -4.59 -50.28 -13.68
N SER A 456 -3.59 -49.75 -12.94
CA SER A 456 -2.57 -50.57 -12.30
C SER A 456 -3.02 -51.02 -10.92
N VAL A 457 -3.98 -50.30 -10.31
CA VAL A 457 -4.51 -50.58 -8.98
C VAL A 457 -5.94 -51.13 -9.04
N HIS A 458 -6.77 -50.60 -9.97
CA HIS A 458 -8.19 -50.94 -10.05
C HIS A 458 -8.59 -51.45 -11.43
N ALA A 459 -7.78 -52.33 -12.05
CA ALA A 459 -8.10 -52.89 -13.37
C ALA A 459 -9.46 -53.60 -13.37
N GLY A 460 -10.24 -53.38 -14.44
CA GLY A 460 -11.55 -54.00 -14.62
C GLY A 460 -12.67 -53.45 -13.72
N THR A 461 -12.48 -52.27 -13.10
CA THR A 461 -13.51 -51.64 -12.27
C THR A 461 -13.67 -50.19 -12.71
N PRO A 462 -14.71 -49.47 -12.24
CA PRO A 462 -14.85 -48.05 -12.61
C PRO A 462 -13.65 -47.19 -12.23
N LYS A 463 -12.99 -47.51 -11.08
CA LYS A 463 -11.80 -46.78 -10.64
C LYS A 463 -10.57 -46.99 -11.56
N GLY A 464 -10.64 -47.98 -12.49
CA GLY A 464 -9.61 -48.21 -13.49
C GLY A 464 -9.68 -47.19 -14.65
N GLY A 465 -10.77 -46.39 -14.73
CA GLY A 465 -10.94 -45.38 -15.77
C GLY A 465 -11.45 -45.94 -17.08
N SER A 466 -11.63 -45.07 -18.08
CA SER A 466 -12.09 -45.47 -19.40
C SER A 466 -10.95 -46.12 -20.19
N SER A 467 -11.27 -46.78 -21.31
CA SER A 467 -10.28 -47.53 -22.07
C SER A 467 -9.18 -46.72 -22.75
N ASN A 468 -9.35 -45.39 -22.88
CA ASN A 468 -8.28 -44.53 -23.40
C ASN A 468 -7.25 -44.20 -22.29
N ILE A 469 -7.46 -44.70 -21.04
CA ILE A 469 -6.52 -44.58 -19.93
C ILE A 469 -5.77 -45.91 -19.83
N THR A 470 -4.44 -45.84 -19.70
CA THR A 470 -3.58 -47.02 -19.53
C THR A 470 -2.62 -46.72 -18.38
N PRO A 471 -1.86 -47.73 -17.91
CA PRO A 471 -0.85 -47.46 -16.88
C PRO A 471 0.24 -46.49 -17.36
N GLN A 472 0.46 -46.39 -18.68
CA GLN A 472 1.49 -45.54 -19.28
C GLN A 472 1.12 -44.05 -19.26
N ASN A 473 -0.17 -43.69 -19.45
CA ASN A 473 -0.60 -42.29 -19.54
C ASN A 473 -1.50 -41.81 -18.38
N MET A 474 -1.78 -42.67 -17.40
CA MET A 474 -2.72 -42.35 -16.33
C MET A 474 -2.36 -41.10 -15.53
N PHE A 475 -3.41 -40.38 -15.13
CA PHE A 475 -3.32 -39.13 -14.38
C PHE A 475 -4.55 -38.98 -13.50
N ASN A 476 -4.58 -37.95 -12.66
CA ASN A 476 -5.76 -37.69 -11.86
C ASN A 476 -6.01 -36.20 -11.74
N SER A 477 -7.28 -35.87 -11.56
CA SER A 477 -7.74 -34.51 -11.36
C SER A 477 -7.37 -33.56 -12.49
N PRO A 478 -7.85 -33.84 -13.71
CA PRO A 478 -7.62 -32.90 -14.82
C PRO A 478 -8.29 -31.59 -14.43
N ASP A 479 -7.65 -30.47 -14.72
CA ASP A 479 -8.13 -29.16 -14.29
C ASP A 479 -8.03 -28.22 -15.47
N GLY A 480 -6.82 -27.79 -15.83
CA GLY A 480 -6.64 -26.91 -16.96
C GLY A 480 -6.78 -27.62 -18.29
N LEU A 481 -7.20 -26.88 -19.31
CA LEU A 481 -7.34 -27.33 -20.68
C LEU A 481 -6.92 -26.22 -21.61
N GLY A 482 -6.44 -26.59 -22.80
CA GLY A 482 -6.10 -25.61 -23.80
C GLY A 482 -6.01 -26.25 -25.16
N PHE A 483 -6.59 -25.62 -26.18
CA PHE A 483 -6.46 -26.07 -27.55
C PHE A 483 -5.39 -25.24 -28.20
N ASP A 484 -4.63 -25.85 -29.12
CA ASP A 484 -3.69 -25.12 -29.95
C ASP A 484 -4.37 -25.01 -31.32
N LYS A 485 -3.79 -24.25 -32.23
CA LYS A 485 -4.37 -24.03 -33.56
C LYS A 485 -4.53 -25.31 -34.39
N ALA A 486 -3.64 -26.30 -34.20
CA ALA A 486 -3.71 -27.58 -34.89
C ALA A 486 -4.88 -28.46 -34.42
N GLY A 487 -5.44 -28.19 -33.22
CA GLY A 487 -6.56 -28.96 -32.68
C GLY A 487 -6.14 -29.98 -31.62
N ARG A 488 -4.88 -29.93 -31.12
CA ARG A 488 -4.47 -30.81 -30.04
C ARG A 488 -5.12 -30.28 -28.76
N LEU A 489 -5.61 -31.17 -27.89
CA LEU A 489 -6.21 -30.79 -26.62
C LEU A 489 -5.19 -31.04 -25.53
N TRP A 490 -4.72 -29.97 -24.88
CA TRP A 490 -3.72 -30.07 -23.82
C TRP A 490 -4.46 -30.14 -22.49
N ILE A 491 -4.11 -31.12 -21.64
CA ILE A 491 -4.77 -31.39 -20.36
C ILE A 491 -3.76 -31.17 -19.26
N LEU A 492 -4.10 -30.33 -18.28
CA LEU A 492 -3.21 -29.99 -17.18
C LEU A 492 -3.81 -30.53 -15.89
N THR A 493 -3.00 -31.10 -14.99
CA THR A 493 -3.53 -31.70 -13.77
C THR A 493 -3.21 -30.96 -12.49
N ASP A 494 -4.14 -31.06 -11.53
CA ASP A 494 -4.04 -30.51 -10.20
C ASP A 494 -4.61 -31.58 -9.28
N GLY A 495 -3.89 -32.69 -9.17
CA GLY A 495 -4.33 -33.82 -8.40
C GLY A 495 -3.44 -34.19 -7.26
N ASP A 496 -3.72 -35.37 -6.73
CA ASP A 496 -2.97 -35.95 -5.63
C ASP A 496 -1.64 -36.40 -6.21
N SER A 497 -0.52 -35.88 -5.66
CA SER A 497 0.83 -36.18 -6.11
CA SER A 497 0.83 -36.18 -6.11
C SER A 497 1.55 -37.15 -5.15
N SER A 498 0.80 -37.92 -4.36
CA SER A 498 1.42 -38.88 -3.44
C SER A 498 2.15 -40.00 -4.18
N ASN A 499 1.76 -40.31 -5.44
CA ASN A 499 2.33 -41.43 -6.22
C ASN A 499 2.16 -42.73 -5.41
N ALA A 500 1.05 -42.85 -4.65
CA ALA A 500 0.80 -43.99 -3.79
C ALA A 500 -0.69 -44.26 -3.65
N GLY A 501 -1.06 -45.45 -3.18
CA GLY A 501 -2.45 -45.84 -3.02
C GLY A 501 -3.20 -45.75 -4.34
N ASP A 502 -4.30 -44.98 -4.36
CA ASP A 502 -5.08 -44.78 -5.58
C ASP A 502 -4.30 -44.07 -6.69
N PHE A 503 -3.22 -43.35 -6.35
CA PHE A 503 -2.44 -42.58 -7.31
C PHE A 503 -1.08 -43.20 -7.62
N ALA A 504 -0.90 -44.50 -7.29
CA ALA A 504 0.36 -45.19 -7.56
C ALA A 504 0.68 -45.19 -9.05
N GLY A 505 1.88 -44.73 -9.41
CA GLY A 505 2.34 -44.66 -10.79
C GLY A 505 1.96 -43.36 -11.52
N MET A 506 1.26 -42.41 -10.86
CA MET A 506 0.87 -41.16 -11.49
C MET A 506 1.90 -40.05 -11.28
N GLY A 507 2.70 -40.15 -10.21
CA GLY A 507 3.76 -39.19 -9.92
C GLY A 507 3.25 -37.77 -9.69
N ASN A 508 4.10 -36.80 -9.99
CA ASN A 508 3.80 -35.38 -9.84
C ASN A 508 2.76 -34.94 -10.86
N ASN A 509 2.23 -33.72 -10.68
CA ASN A 509 1.27 -33.17 -11.62
C ASN A 509 1.88 -33.05 -12.99
N GLN A 510 1.04 -32.99 -13.99
CA GLN A 510 1.53 -33.09 -15.34
C GLN A 510 0.65 -32.44 -16.36
N MET A 511 1.12 -32.47 -17.60
CA MET A 511 0.38 -32.01 -18.75
C MET A 511 0.40 -33.14 -19.77
N LEU A 512 -0.75 -33.42 -20.35
CA LEU A 512 -0.92 -34.45 -21.36
C LEU A 512 -1.48 -33.81 -22.61
N CYS A 513 -1.42 -34.53 -23.72
CA CYS A 513 -1.92 -34.05 -25.00
C CYS A 513 -2.84 -35.10 -25.56
N ALA A 514 -4.01 -34.69 -26.05
CA ALA A 514 -4.99 -35.62 -26.58
C ALA A 514 -5.44 -35.27 -27.98
N ASP A 515 -5.86 -36.30 -28.73
CA ASP A 515 -6.44 -36.15 -30.05
C ASP A 515 -7.94 -36.26 -29.78
N PRO A 516 -8.70 -35.15 -29.88
CA PRO A 516 -10.14 -35.19 -29.59
C PRO A 516 -10.95 -36.17 -30.45
N ALA A 517 -10.56 -36.34 -31.72
CA ALA A 517 -11.29 -37.23 -32.64
C ALA A 517 -11.12 -38.72 -32.34
N THR A 518 -9.96 -39.14 -31.81
CA THR A 518 -9.67 -40.55 -31.52
C THR A 518 -9.72 -40.92 -30.04
N GLY A 519 -9.60 -39.95 -29.12
CA GLY A 519 -9.57 -40.24 -27.69
C GLY A 519 -8.17 -40.59 -27.18
N GLU A 520 -7.14 -40.63 -28.04
CA GLU A 520 -5.79 -40.99 -27.62
C GLU A 520 -5.18 -39.89 -26.76
N ILE A 521 -4.58 -40.26 -25.62
CA ILE A 521 -3.94 -39.32 -24.68
C ILE A 521 -2.50 -39.77 -24.46
N ARG A 522 -1.55 -38.82 -24.50
CA ARG A 522 -0.13 -39.09 -24.23
C ARG A 522 0.39 -38.10 -23.21
N ARG A 523 1.19 -38.57 -22.25
CA ARG A 523 1.79 -37.70 -21.23
C ARG A 523 2.93 -36.92 -21.87
N PHE A 524 2.90 -35.60 -21.71
CA PHE A 524 3.87 -34.71 -22.34
C PHE A 524 4.86 -34.11 -21.35
N MET A 525 4.40 -33.65 -20.18
CA MET A 525 5.26 -32.99 -19.21
C MET A 525 4.92 -33.40 -17.81
N VAL A 526 5.93 -33.45 -16.93
CA VAL A 526 5.73 -33.67 -15.51
C VAL A 526 6.36 -32.49 -14.81
N GLY A 527 5.64 -31.92 -13.84
CA GLY A 527 6.10 -30.74 -13.09
C GLY A 527 6.89 -31.12 -11.83
N PRO A 528 7.40 -30.11 -11.11
CA PRO A 528 8.20 -30.32 -9.91
C PRO A 528 7.37 -30.71 -8.68
N ILE A 529 8.03 -30.88 -7.53
CA ILE A 529 7.39 -31.35 -6.30
C ILE A 529 6.43 -30.33 -5.70
N GLY A 530 5.23 -30.79 -5.32
CA GLY A 530 4.22 -29.97 -4.65
C GLY A 530 3.53 -28.94 -5.51
N CYS A 531 3.77 -28.91 -6.83
CA CYS A 531 3.13 -27.94 -7.71
C CYS A 531 1.86 -28.50 -8.28
N GLU A 532 1.16 -27.63 -8.99
CA GLU A 532 0.10 -28.03 -9.91
C GLU A 532 0.48 -27.37 -11.23
N VAL A 533 0.11 -28.01 -12.34
CA VAL A 533 0.38 -27.52 -13.67
C VAL A 533 -0.89 -26.78 -14.08
N THR A 534 -0.78 -25.48 -14.34
CA THR A 534 -1.97 -24.68 -14.64
C THR A 534 -1.57 -23.46 -15.46
N GLY A 535 -2.47 -22.98 -16.30
CA GLY A 535 -2.15 -21.85 -17.17
C GLY A 535 -1.54 -22.37 -18.44
N ILE A 536 -2.11 -21.98 -19.59
CA ILE A 536 -1.56 -22.39 -20.88
C ILE A 536 -1.84 -21.30 -21.92
N SER A 537 -0.81 -21.01 -22.73
CA SER A 537 -0.90 -20.08 -23.85
C SER A 537 0.15 -20.49 -24.86
N PHE A 538 -0.08 -20.15 -26.12
CA PHE A 538 0.87 -20.45 -27.17
C PHE A 538 1.32 -19.17 -27.81
N SER A 539 2.57 -19.17 -28.32
CA SER A 539 3.03 -18.05 -29.12
C SER A 539 2.18 -18.14 -30.41
N PRO A 540 2.00 -17.04 -31.14
CA PRO A 540 1.20 -17.10 -32.37
C PRO A 540 1.65 -18.20 -33.34
N ASP A 541 2.97 -18.39 -33.52
CA ASP A 541 3.50 -19.42 -34.41
C ASP A 541 3.45 -20.85 -33.84
N GLN A 542 2.96 -21.05 -32.59
CA GLN A 542 2.79 -22.35 -31.96
C GLN A 542 4.12 -23.06 -31.64
N LYS A 543 5.26 -22.33 -31.71
CA LYS A 543 6.59 -22.89 -31.44
C LYS A 543 6.98 -22.76 -29.97
N THR A 544 6.25 -21.95 -29.17
CA THR A 544 6.45 -21.88 -27.72
C THR A 544 5.12 -22.15 -27.05
N LEU A 545 5.12 -23.05 -26.07
CA LEU A 545 3.95 -23.36 -25.26
C LEU A 545 4.30 -22.81 -23.88
N PHE A 546 3.53 -21.84 -23.41
CA PHE A 546 3.74 -21.25 -22.10
C PHE A 546 2.87 -22.00 -21.12
N VAL A 547 3.43 -22.48 -20.00
CA VAL A 547 2.68 -23.23 -19.00
C VAL A 547 3.08 -22.79 -17.60
N GLY A 548 2.12 -22.72 -16.68
CA GLY A 548 2.40 -22.29 -15.32
C GLY A 548 2.68 -23.45 -14.38
N ILE A 549 3.62 -23.23 -13.46
CA ILE A 549 3.98 -24.14 -12.39
C ILE A 549 3.58 -23.36 -11.15
N GLN A 550 2.45 -23.75 -10.54
CA GLN A 550 1.89 -23.03 -9.41
C GLN A 550 2.22 -23.71 -8.10
N HIS A 551 2.54 -22.90 -7.07
CA HIS A 551 2.87 -23.32 -5.72
C HIS A 551 3.85 -24.49 -5.62
N PRO A 552 4.98 -24.45 -6.34
CA PRO A 552 5.95 -25.53 -6.16
C PRO A 552 6.36 -25.58 -4.68
N GLY A 553 6.41 -26.78 -4.10
CA GLY A 553 6.76 -26.95 -2.70
C GLY A 553 5.68 -26.47 -1.74
N GLU A 554 4.39 -26.64 -2.05
CA GLU A 554 3.33 -26.22 -1.14
C GLU A 554 3.45 -26.86 0.26
N ASN A 555 4.03 -28.07 0.34
CA ASN A 555 4.24 -28.79 1.60
C ASN A 555 5.74 -28.82 2.00
N GLY A 556 6.57 -27.88 1.49
CA GLY A 556 7.98 -27.75 1.87
C GLY A 556 8.97 -28.70 1.17
N GLY A 557 8.61 -29.32 0.04
CA GLY A 557 9.51 -30.28 -0.64
C GLY A 557 10.14 -29.81 -1.95
N SER A 558 10.19 -28.49 -2.23
CA SER A 558 10.75 -28.00 -3.49
C SER A 558 11.64 -26.79 -3.30
N THR A 559 12.60 -26.64 -4.22
CA THR A 559 13.46 -25.48 -4.34
C THR A 559 13.37 -24.95 -5.80
N PHE A 560 12.36 -25.42 -6.56
CA PHE A 560 12.17 -25.05 -7.96
C PHE A 560 11.75 -23.57 -8.10
N PRO A 561 12.30 -22.83 -9.10
CA PRO A 561 13.22 -23.23 -10.16
C PRO A 561 14.70 -22.96 -9.91
N GLU A 562 15.06 -22.11 -8.94
CA GLU A 562 16.47 -21.73 -8.76
C GLU A 562 17.33 -22.83 -8.15
N HIS A 563 16.73 -23.72 -7.37
CA HIS A 563 17.44 -24.82 -6.73
C HIS A 563 18.66 -24.39 -5.91
N LEU A 564 18.49 -23.29 -5.16
CA LEU A 564 19.56 -22.83 -4.26
C LEU A 564 19.47 -23.73 -3.01
N PRO A 565 20.60 -23.96 -2.29
CA PRO A 565 20.59 -24.82 -1.09
C PRO A 565 19.56 -24.36 -0.07
N ASN A 566 18.60 -25.23 0.27
CA ASN A 566 17.50 -24.92 1.19
C ASN A 566 16.81 -23.63 0.75
N GLY A 567 16.66 -23.46 -0.56
CA GLY A 567 16.10 -22.26 -1.13
C GLY A 567 14.59 -22.21 -1.06
N LYS A 568 14.05 -21.11 -1.55
CA LYS A 568 12.63 -20.83 -1.55
C LYS A 568 12.11 -21.13 -2.95
N PRO A 569 11.10 -22.00 -3.09
CA PRO A 569 10.53 -22.27 -4.40
C PRO A 569 9.63 -21.12 -4.82
N ARG A 570 9.52 -20.90 -6.15
CA ARG A 570 8.73 -19.78 -6.67
C ARG A 570 7.87 -20.22 -7.83
N SER A 571 6.57 -19.91 -7.77
CA SER A 571 5.66 -20.19 -8.88
C SER A 571 6.22 -19.50 -10.11
N SER A 572 6.20 -20.17 -11.25
CA SER A 572 6.78 -19.63 -12.47
C SER A 572 5.98 -19.97 -13.70
N VAL A 573 6.13 -19.13 -14.73
CA VAL A 573 5.58 -19.37 -16.04
C VAL A 573 6.77 -19.89 -16.83
N MET A 574 6.61 -21.07 -17.43
CA MET A 574 7.66 -21.73 -18.21
C MET A 574 7.39 -21.57 -19.69
N ALA A 575 8.47 -21.50 -20.48
CA ALA A 575 8.40 -21.46 -21.93
C ALA A 575 8.92 -22.82 -22.42
N ILE A 576 8.05 -23.61 -23.06
CA ILE A 576 8.41 -24.93 -23.58
C ILE A 576 8.63 -24.80 -25.08
N THR A 577 9.78 -25.26 -25.58
CA THR A 577 10.10 -25.20 -27.02
C THR A 577 10.74 -26.50 -27.48
N ARG A 578 10.80 -26.67 -28.80
CA ARG A 578 11.48 -27.80 -29.41
C ARG A 578 12.90 -27.35 -29.73
N GLU A 579 13.88 -28.24 -29.56
CA GLU A 579 15.28 -27.94 -29.88
C GLU A 579 15.45 -27.63 -31.38
N ASP A 580 14.63 -28.27 -32.25
CA ASP A 580 14.65 -28.03 -33.70
C ASP A 580 13.82 -26.81 -34.15
N GLY A 581 13.19 -26.08 -33.20
CA GLY A 581 12.39 -24.89 -33.50
C GLY A 581 11.02 -25.18 -34.13
N GLY A 582 10.55 -26.44 -34.14
CA GLY A 582 9.26 -26.77 -34.74
C GLY A 582 8.07 -26.47 -33.82
N ILE A 583 6.86 -26.78 -34.31
CA ILE A 583 5.61 -26.56 -33.58
C ILE A 583 5.49 -27.54 -32.41
N VAL A 584 5.14 -27.05 -31.22
CA VAL A 584 5.05 -27.87 -30.01
C VAL A 584 3.93 -28.91 -30.13
N GLY A 585 4.26 -30.19 -29.90
CA GLY A 585 3.30 -31.29 -29.99
C GLY A 585 3.23 -31.96 -31.37
N ALA A 586 3.74 -31.29 -32.44
CA ALA A 586 3.68 -31.83 -33.80
C ALA A 586 4.83 -32.79 -34.08
N HIS A 587 4.76 -33.51 -35.21
CA HIS A 587 5.79 -34.49 -35.57
C HIS A 587 7.12 -33.82 -35.93
N HIS A 588 8.22 -34.59 -35.75
CA HIS A 588 9.59 -34.15 -36.04
C HIS A 588 10.00 -34.58 -37.43
N ARG B 9 24.74 46.89 9.44
CA ARG B 9 23.37 46.40 9.54
C ARG B 9 23.21 45.06 8.79
N LEU B 10 22.51 44.10 9.42
CA LEU B 10 22.23 42.80 8.82
C LEU B 10 20.94 42.83 8.01
N LEU B 11 19.97 43.68 8.40
CA LEU B 11 18.67 43.75 7.74
C LEU B 11 18.76 44.74 6.57
N GLY B 12 18.78 44.21 5.33
CA GLY B 12 18.95 44.98 4.11
C GLY B 12 17.68 45.29 3.32
N PHE B 13 16.50 44.99 3.88
CA PHE B 13 15.22 45.23 3.22
C PHE B 13 14.34 46.04 4.18
N ASP B 14 13.36 46.77 3.62
CA ASP B 14 12.42 47.56 4.42
C ASP B 14 11.28 46.66 4.88
N SER B 15 10.89 46.74 6.16
CA SER B 15 9.80 45.94 6.74
C SER B 15 8.52 46.10 5.93
N ILE B 16 7.92 44.99 5.48
CA ILE B 16 6.71 45.04 4.64
C ILE B 16 5.44 45.13 5.49
N PRO B 17 4.33 45.63 4.90
CA PRO B 17 3.08 45.66 5.67
C PRO B 17 2.48 44.27 5.83
N ALA B 18 1.57 44.13 6.79
CA ALA B 18 0.83 42.90 6.99
C ALA B 18 -0.10 42.73 5.78
N ALA B 19 -0.51 41.50 5.52
CA ALA B 19 -1.37 41.25 4.37
C ALA B 19 -2.36 40.13 4.67
N THR B 20 -3.49 40.16 3.96
CA THR B 20 -4.56 39.18 4.09
C THR B 20 -4.87 38.49 2.76
N THR B 21 -4.08 38.75 1.71
CA THR B 21 -4.31 38.17 0.39
C THR B 21 -3.88 36.72 0.33
N ASP B 22 -4.41 35.99 -0.66
CA ASP B 22 -4.10 34.58 -0.88
C ASP B 22 -2.87 34.47 -1.79
N THR B 23 -1.77 35.12 -1.39
CA THR B 23 -0.53 35.18 -2.17
C THR B 23 0.64 35.26 -1.22
N ILE B 24 1.85 35.29 -1.79
CA ILE B 24 3.05 35.52 -1.03
C ILE B 24 3.40 37.00 -1.26
N SER B 25 3.52 37.78 -0.17
CA SER B 25 3.90 39.19 -0.23
C SER B 25 5.36 39.26 0.23
N LEU B 26 6.20 40.01 -0.48
CA LEU B 26 7.64 40.12 -0.19
C LEU B 26 8.08 41.58 -0.32
N PRO B 27 9.33 41.90 0.08
CA PRO B 27 9.81 43.28 -0.08
C PRO B 27 10.13 43.56 -1.55
N LYS B 28 10.39 44.83 -1.86
CA LYS B 28 10.73 45.26 -3.21
C LYS B 28 11.99 44.52 -3.69
N GLY B 29 11.97 44.03 -4.93
CA GLY B 29 13.12 43.35 -5.51
C GLY B 29 13.20 41.86 -5.18
N TYR B 30 12.17 41.28 -4.53
CA TYR B 30 12.15 39.86 -4.20
C TYR B 30 11.06 39.17 -5.00
N LYS B 31 11.28 37.88 -5.31
CA LYS B 31 10.32 37.07 -6.05
C LYS B 31 10.23 35.69 -5.44
N SER B 32 9.12 35.01 -5.69
CA SER B 32 8.89 33.65 -5.20
C SER B 32 8.48 32.74 -6.33
N SER B 33 8.83 31.46 -6.20
CA SER B 33 8.48 30.44 -7.17
C SER B 33 8.23 29.14 -6.42
N VAL B 34 7.29 28.33 -6.90
CA VAL B 34 6.99 27.05 -6.26
C VAL B 34 8.07 26.06 -6.63
N LEU B 35 8.78 25.50 -5.64
CA LEU B 35 9.77 24.47 -5.90
C LEU B 35 9.04 23.13 -6.12
N ILE B 36 8.16 22.78 -5.17
CA ILE B 36 7.41 21.54 -5.23
C ILE B 36 6.17 21.66 -4.36
N SER B 37 5.10 20.94 -4.73
CA SER B 37 3.85 20.95 -3.99
C SER B 37 3.41 19.55 -3.62
N TRP B 38 2.59 19.45 -2.58
CA TRP B 38 1.95 18.19 -2.17
C TRP B 38 1.38 17.49 -3.40
N GLY B 39 1.69 16.20 -3.56
CA GLY B 39 1.16 15.39 -4.66
C GLY B 39 2.06 15.25 -5.88
N GLN B 40 3.18 15.99 -5.92
CA GLN B 40 4.10 15.92 -7.05
C GLN B 40 4.72 14.51 -7.13
N PRO B 41 4.58 13.79 -8.28
CA PRO B 41 5.24 12.50 -8.37
C PRO B 41 6.76 12.69 -8.32
N LEU B 42 7.45 11.82 -7.58
CA LEU B 42 8.90 11.94 -7.43
C LEU B 42 9.70 11.19 -8.48
N HIS B 43 9.16 10.10 -9.02
CA HIS B 43 9.89 9.22 -9.93
C HIS B 43 9.47 9.35 -11.38
N LYS B 44 10.33 8.87 -12.29
CA LYS B 44 10.07 8.91 -13.72
C LYS B 44 8.81 8.08 -14.01
N ASN B 45 7.89 8.63 -14.83
CA ASN B 45 6.60 8.02 -15.18
C ASN B 45 5.67 7.94 -13.96
N GLY B 46 5.94 8.71 -12.89
CA GLY B 46 5.15 8.67 -11.68
C GLY B 46 3.74 9.22 -11.89
N PRO B 47 2.79 8.85 -11.01
CA PRO B 47 1.40 9.27 -11.15
C PRO B 47 1.21 10.75 -10.93
N ALA B 48 0.58 11.43 -11.89
CA ALA B 48 0.33 12.86 -11.79
C ALA B 48 -0.62 13.15 -10.64
N PHE B 49 -0.47 14.32 -10.02
CA PHE B 49 -1.38 14.78 -8.97
C PHE B 49 -2.78 14.89 -9.58
N ASP B 50 -3.80 14.44 -8.86
CA ASP B 50 -5.20 14.53 -9.31
C ASP B 50 -5.91 15.52 -8.37
N PRO B 51 -6.26 16.73 -8.85
CA PRO B 51 -6.95 17.70 -7.98
C PRO B 51 -8.34 17.25 -7.51
N SER B 52 -8.96 16.26 -8.20
CA SER B 52 -10.27 15.73 -7.81
C SER B 52 -10.19 14.79 -6.58
N GLY B 53 -8.99 14.45 -6.09
CA GLY B 53 -8.84 13.62 -4.90
C GLY B 53 -8.90 12.12 -5.14
N ASN B 54 -9.03 11.66 -6.40
CA ASN B 54 -9.14 10.23 -6.69
C ASN B 54 -7.81 9.48 -6.78
N GLY B 55 -6.68 10.11 -6.43
CA GLY B 55 -5.40 9.42 -6.41
C GLY B 55 -5.42 8.33 -5.33
N THR B 56 -4.67 7.26 -5.54
CA THR B 56 -4.63 6.13 -4.61
C THR B 56 -3.61 6.33 -3.51
N ALA B 57 -3.67 5.47 -2.49
CA ALA B 57 -2.70 5.48 -1.42
C ALA B 57 -1.34 5.12 -1.99
N ALA B 58 -1.29 4.12 -2.89
CA ALA B 58 -0.05 3.70 -3.53
C ALA B 58 0.60 4.86 -4.29
N ALA B 59 -0.21 5.69 -4.96
CA ALA B 59 0.32 6.85 -5.66
C ALA B 59 0.88 7.86 -4.65
N GLN B 60 0.17 8.09 -3.54
CA GLN B 60 0.65 9.03 -2.51
C GLN B 60 1.98 8.59 -1.90
N GLU B 61 2.23 7.28 -1.84
CA GLU B 61 3.51 6.77 -1.31
C GLU B 61 4.69 7.11 -2.23
N VAL B 62 4.45 7.49 -3.50
CA VAL B 62 5.50 7.88 -4.45
C VAL B 62 5.34 9.35 -4.90
N GLN B 63 4.58 10.14 -4.14
CA GLN B 63 4.37 11.54 -4.41
C GLN B 63 4.82 12.35 -3.22
N PHE B 64 5.20 13.60 -3.45
CA PHE B 64 5.59 14.51 -2.39
C PHE B 64 4.46 14.54 -1.35
N GLY B 65 4.82 14.39 -0.08
CA GLY B 65 3.82 14.30 0.98
C GLY B 65 3.09 15.60 1.23
N ASP B 66 2.14 15.55 2.15
CA ASP B 66 1.29 16.71 2.46
C ASP B 66 1.89 17.55 3.58
N ASN B 67 1.34 18.75 3.77
CA ASN B 67 1.71 19.68 4.83
C ASN B 67 3.19 19.68 5.14
N ASN B 68 3.98 20.05 4.14
CA ASN B 68 5.43 20.18 4.27
C ASN B 68 5.78 21.07 5.45
N ASP B 69 6.82 20.68 6.20
CA ASP B 69 7.18 21.37 7.43
C ASP B 69 8.71 21.55 7.52
N GLY B 70 9.41 21.08 8.58
CA GLY B 70 10.85 21.28 8.67
C GLY B 70 11.59 20.66 7.50
N MET B 71 12.73 21.27 7.16
CA MET B 71 13.52 20.79 6.05
C MET B 71 14.97 21.26 6.13
N SER B 72 15.86 20.49 5.51
CA SER B 72 17.28 20.82 5.44
C SER B 72 17.77 20.58 4.03
N LEU B 73 18.79 21.34 3.63
CA LEU B 73 19.44 21.21 2.34
C LEU B 73 20.83 20.61 2.56
N PHE B 74 21.24 19.69 1.69
CA PHE B 74 22.54 19.03 1.76
C PHE B 74 23.29 19.24 0.46
N GLU B 75 24.56 19.64 0.55
CA GLU B 75 25.40 19.87 -0.63
C GLU B 75 25.85 18.57 -1.24
N PHE B 76 26.10 18.57 -2.56
CA PHE B 76 26.63 17.41 -3.27
C PHE B 76 28.13 17.64 -3.39
N PRO B 77 28.98 16.70 -2.91
CA PRO B 77 30.42 16.87 -3.06
C PRO B 77 30.84 16.98 -4.54
N GLY B 78 31.61 18.01 -4.87
CA GLY B 78 32.12 18.23 -6.21
C GLY B 78 31.15 18.89 -7.20
N GLU B 79 29.91 19.25 -6.80
CA GLU B 79 28.92 19.84 -7.73
C GLU B 79 28.11 20.94 -7.05
N LYS B 80 28.46 22.21 -7.30
CA LYS B 80 27.76 23.35 -6.72
C LYS B 80 26.33 23.58 -7.26
N ASN B 81 25.99 23.03 -8.44
CA ASN B 81 24.66 23.21 -9.02
C ASN B 81 23.67 22.08 -8.71
N ARG B 82 24.00 21.20 -7.73
CA ARG B 82 23.14 20.12 -7.28
C ARG B 82 23.05 20.16 -5.77
N ALA B 83 21.93 19.71 -5.22
CA ALA B 83 21.75 19.59 -3.77
C ALA B 83 20.60 18.64 -3.49
N LEU B 84 20.55 18.11 -2.28
CA LEU B 84 19.43 17.28 -1.84
C LEU B 84 18.70 18.05 -0.76
N MET B 85 17.39 17.89 -0.69
CA MET B 85 16.58 18.49 0.36
C MET B 85 15.77 17.39 1.00
N ALA B 86 15.77 17.32 2.34
CA ALA B 86 14.98 16.37 3.11
C ALA B 86 13.89 17.22 3.74
N ILE B 87 12.63 16.96 3.38
CA ILE B 87 11.50 17.79 3.78
C ILE B 87 10.47 16.98 4.52
N ASN B 88 10.11 17.42 5.73
CA ASN B 88 9.11 16.72 6.52
C ASN B 88 7.73 16.94 5.97
N ASN B 89 6.86 15.96 6.18
CA ASN B 89 5.45 16.00 5.80
C ASN B 89 4.72 15.65 7.08
N GLU B 90 4.13 16.65 7.73
CA GLU B 90 3.60 16.50 9.06
C GLU B 90 2.27 15.80 9.19
N TYR B 91 1.27 16.23 8.44
CA TYR B 91 -0.06 15.67 8.55
C TYR B 91 -0.81 15.89 7.27
N THR B 92 -2.12 15.63 7.23
CA THR B 92 -2.88 15.81 6.01
C THR B 92 -4.19 16.50 6.31
N ASN B 93 -4.80 17.04 5.26
CA ASN B 93 -6.04 17.79 5.32
C ASN B 93 -7.10 16.92 4.67
N TYR B 94 -7.92 16.24 5.49
CA TYR B 94 -8.93 15.33 4.98
C TYR B 94 -9.90 15.97 3.99
N ARG B 95 -10.20 17.27 4.14
CA ARG B 95 -11.09 17.95 3.20
C ARG B 95 -10.56 17.95 1.76
N TYR B 96 -9.22 17.88 1.59
CA TYR B 96 -8.58 17.85 0.29
C TYR B 96 -8.02 16.48 -0.09
N LEU B 97 -7.66 15.65 0.90
CA LEU B 97 -7.03 14.37 0.59
C LEU B 97 -7.97 13.39 -0.10
N TYR B 98 -9.18 13.26 0.40
CA TYR B 98 -10.16 12.31 -0.11
C TYR B 98 -11.19 13.01 -0.97
N PRO B 99 -11.73 12.32 -1.98
CA PRO B 99 -12.80 12.91 -2.79
C PRO B 99 -14.07 13.17 -1.92
N HIS B 100 -14.31 12.35 -0.87
CA HIS B 100 -15.43 12.52 0.06
C HIS B 100 -15.21 13.67 1.07
N GLY B 101 -13.96 14.16 1.19
CA GLY B 101 -13.60 15.30 2.04
C GLY B 101 -13.79 15.10 3.54
N GLY B 102 -13.93 13.85 4.02
CA GLY B 102 -14.17 13.59 5.45
C GLY B 102 -13.21 12.61 6.05
N MET B 103 -13.63 12.00 7.16
CA MET B 103 -12.82 11.04 7.89
C MET B 103 -12.53 9.79 7.07
N PRO B 104 -11.41 9.08 7.35
CA PRO B 104 -11.11 7.85 6.62
C PRO B 104 -12.27 6.87 6.70
N GLN B 105 -12.60 6.23 5.59
CA GLN B 105 -13.71 5.29 5.47
C GLN B 105 -13.25 3.86 5.22
N SER B 106 -11.92 3.60 5.22
CA SER B 106 -11.42 2.28 4.88
C SER B 106 -9.95 2.13 5.20
N ALA B 107 -9.43 0.90 5.07
CA ALA B 107 -8.01 0.60 5.23
C ALA B 107 -7.20 1.36 4.17
N GLU B 108 -7.71 1.47 2.94
CA GLU B 108 -7.01 2.21 1.89
C GLU B 108 -6.97 3.72 2.20
N ASP B 109 -8.03 4.28 2.78
CA ASP B 109 -8.01 5.69 3.16
C ASP B 109 -6.96 5.92 4.25
N VAL B 110 -6.86 5.00 5.23
CA VAL B 110 -5.85 5.13 6.29
C VAL B 110 -4.45 5.04 5.70
N ARG B 111 -4.23 4.11 4.76
CA ARG B 111 -2.93 4.01 4.10
CA ARG B 111 -2.95 3.97 4.08
C ARG B 111 -2.61 5.27 3.35
N LYS B 112 -3.62 5.90 2.73
CA LYS B 112 -3.44 7.14 1.98
C LYS B 112 -3.00 8.28 2.91
N ALA B 113 -3.57 8.35 4.12
CA ALA B 113 -3.19 9.36 5.11
C ALA B 113 -1.78 9.10 5.62
N LEU B 114 -1.46 7.84 5.95
CA LEU B 114 -0.09 7.50 6.39
C LEU B 114 0.93 7.81 5.31
N ALA B 115 0.56 7.61 4.03
CA ALA B 115 1.42 7.89 2.89
C ALA B 115 1.76 9.39 2.77
N CYS B 116 0.86 10.27 3.25
CA CYS B 116 1.06 11.72 3.22
C CYS B 116 2.13 12.18 4.16
N GLU B 117 2.38 11.45 5.24
CA GLU B 117 3.27 11.89 6.30
C GLU B 117 4.62 11.24 6.21
N GLY B 118 5.61 11.80 6.89
CA GLY B 118 6.96 11.27 6.91
C GLY B 118 7.92 12.29 6.38
N VAL B 119 8.76 11.88 5.43
CA VAL B 119 9.77 12.74 4.83
C VAL B 119 9.78 12.54 3.32
N SER B 120 10.09 13.60 2.59
CA SER B 120 10.27 13.57 1.16
C SER B 120 11.70 14.02 0.90
N VAL B 121 12.55 13.13 0.36
CA VAL B 121 13.92 13.47 0.01
C VAL B 121 13.86 13.78 -1.48
N ILE B 122 14.37 14.95 -1.89
CA ILE B 122 14.35 15.33 -3.30
C ILE B 122 15.68 15.89 -3.73
N GLU B 123 15.98 15.76 -5.03
CA GLU B 123 17.15 16.40 -5.61
C GLU B 123 16.67 17.69 -6.22
N VAL B 124 17.49 18.74 -6.09
CA VAL B 124 17.25 20.04 -6.70
C VAL B 124 18.50 20.40 -7.50
N GLN B 125 18.31 21.03 -8.67
CA GLN B 125 19.41 21.44 -9.54
C GLN B 125 19.24 22.91 -9.88
N ARG B 126 20.36 23.64 -9.96
CA ARG B 126 20.36 25.06 -10.27
C ARG B 126 20.64 25.28 -11.75
N LYS B 127 19.80 26.11 -12.39
CA LYS B 127 19.94 26.49 -13.79
C LYS B 127 19.64 27.98 -13.88
N ASN B 128 20.60 28.79 -14.36
CA ASN B 128 20.47 30.25 -14.45
C ASN B 128 20.15 30.91 -13.09
N GLY B 129 20.80 30.42 -12.02
CA GLY B 129 20.60 30.93 -10.66
C GLY B 129 19.30 30.45 -9.97
N GLN B 130 18.43 29.67 -10.65
CA GLN B 130 17.16 29.22 -10.12
C GLN B 130 17.19 27.73 -9.80
N TRP B 131 16.88 27.35 -8.55
CA TRP B 131 16.83 25.94 -8.14
C TRP B 131 15.50 25.34 -8.53
N GLN B 132 15.52 24.11 -9.08
CA GLN B 132 14.31 23.41 -9.50
C GLN B 132 14.38 21.95 -9.11
N PHE B 133 13.21 21.37 -8.83
CA PHE B 133 13.09 19.95 -8.50
C PHE B 133 13.50 19.08 -9.68
N VAL B 134 14.22 17.98 -9.41
CA VAL B 134 14.64 17.02 -10.42
C VAL B 134 13.83 15.75 -10.26
N GLN B 135 12.73 15.63 -11.01
CA GLN B 135 11.92 14.41 -10.98
C GLN B 135 12.74 13.30 -11.61
N GLY B 136 12.64 12.08 -11.05
CA GLY B 136 13.36 10.93 -11.57
C GLY B 136 14.78 10.75 -11.03
N SER B 137 15.25 11.63 -10.15
CA SER B 137 16.57 11.47 -9.54
C SER B 137 16.59 10.19 -8.70
N ARG B 138 17.72 9.46 -8.71
CA ARG B 138 17.84 8.24 -7.91
C ARG B 138 17.78 8.52 -6.40
N TYR B 139 18.03 9.77 -5.98
CA TYR B 139 17.98 10.15 -4.57
C TYR B 139 16.57 10.47 -4.09
N ASN B 140 15.61 10.66 -5.02
CA ASN B 140 14.24 10.98 -4.62
C ASN B 140 13.63 9.82 -3.87
N ARG B 141 12.98 10.12 -2.75
CA ARG B 141 12.44 9.05 -1.92
C ARG B 141 11.37 9.55 -0.99
N ARG B 142 10.40 8.68 -0.71
CA ARG B 142 9.39 8.92 0.31
C ARG B 142 9.64 7.95 1.45
N ILE B 143 9.70 8.49 2.66
CA ILE B 143 9.71 7.73 3.89
C ILE B 143 8.36 8.12 4.44
N HIS B 144 7.49 7.17 4.73
CA HIS B 144 6.14 7.48 5.16
C HIS B 144 5.69 6.68 6.36
N GLY B 145 4.42 6.85 6.77
CA GLY B 145 3.85 6.22 7.94
C GLY B 145 3.83 4.69 7.94
N ASN B 146 4.07 4.03 6.80
CA ASN B 146 4.14 2.58 6.72
C ASN B 146 5.51 2.08 6.23
N SER B 147 6.55 2.95 6.28
CA SER B 147 7.90 2.54 5.83
C SER B 147 8.61 1.72 6.91
N PRO B 148 9.44 0.73 6.52
CA PRO B 148 10.16 -0.06 7.51
C PRO B 148 11.33 0.72 8.09
N LEU B 149 11.31 0.96 9.42
CA LEU B 149 12.35 1.71 10.13
C LEU B 149 12.95 0.84 11.24
N ARG B 150 14.09 1.29 11.78
CA ARG B 150 14.82 0.61 12.85
C ARG B 150 14.77 1.47 14.11
N ILE B 151 14.85 0.81 15.29
CA ILE B 151 14.91 1.47 16.60
C ILE B 151 16.30 1.15 17.14
N SER B 152 17.02 2.18 17.61
CA SER B 152 18.34 2.01 18.19
C SER B 152 18.45 2.82 19.47
N GLY B 153 19.54 2.62 20.21
CA GLY B 153 19.75 3.34 21.45
C GLY B 153 19.29 2.54 22.68
N PRO B 154 19.36 3.15 23.87
CA PRO B 154 19.05 2.46 25.13
C PRO B 154 17.68 1.80 25.25
N ALA B 155 16.65 2.32 24.56
CA ALA B 155 15.31 1.73 24.64
C ALA B 155 15.04 0.68 23.57
N ALA B 156 15.95 0.50 22.59
CA ALA B 156 15.75 -0.52 21.56
C ALA B 156 15.75 -1.92 22.19
N GLY B 157 14.76 -2.74 21.83
CA GLY B 157 14.64 -4.10 22.35
C GLY B 157 14.02 -4.20 23.75
N HIS B 158 13.57 -3.07 24.34
CA HIS B 158 12.96 -3.10 25.67
C HIS B 158 11.58 -3.73 25.59
N GLU B 159 11.10 -4.33 26.70
CA GLU B 159 9.77 -4.94 26.75
C GLU B 159 8.65 -3.96 26.35
N LEU B 160 8.78 -2.68 26.73
CA LEU B 160 7.80 -1.67 26.38
C LEU B 160 7.79 -1.28 24.90
N MET B 161 8.80 -1.70 24.12
CA MET B 161 8.93 -1.43 22.69
C MET B 161 8.56 -2.66 21.84
N LYS B 162 8.09 -3.76 22.46
CA LYS B 162 7.72 -4.98 21.74
C LYS B 162 6.22 -5.02 21.51
N THR B 163 5.81 -5.49 20.32
CA THR B 163 4.41 -5.65 19.95
C THR B 163 4.24 -7.04 19.35
N SER B 164 2.99 -7.45 19.09
CA SER B 164 2.74 -8.74 18.47
C SER B 164 3.37 -8.83 17.07
N ALA B 165 3.37 -7.71 16.30
CA ALA B 165 3.96 -7.66 14.96
C ALA B 165 5.48 -7.50 15.00
N ASP B 166 6.05 -6.98 16.10
CA ASP B 166 7.50 -6.85 16.26
C ASP B 166 7.88 -7.34 17.64
N LYS B 167 8.09 -8.64 17.76
CA LYS B 167 8.43 -9.28 19.03
C LYS B 167 9.80 -8.90 19.59
N HIS B 168 10.72 -8.37 18.77
CA HIS B 168 12.06 -8.04 19.25
C HIS B 168 12.27 -6.56 19.61
N GLY B 169 11.29 -5.67 19.35
CA GLY B 169 11.36 -4.27 19.72
C GLY B 169 12.45 -3.44 19.02
N LYS B 170 12.84 -3.82 17.80
CA LYS B 170 13.86 -3.09 17.03
C LYS B 170 13.40 -2.70 15.61
N LYS B 171 12.20 -3.12 15.17
CA LYS B 171 11.67 -2.85 13.84
C LYS B 171 10.33 -2.15 13.95
N VAL B 172 10.24 -0.91 13.49
CA VAL B 172 9.02 -0.12 13.59
C VAL B 172 8.56 0.30 12.22
N LEU B 173 7.22 0.31 12.02
CA LEU B 173 6.66 0.77 10.77
C LEU B 173 6.38 2.25 10.90
N GLY B 174 7.04 3.02 10.06
CA GLY B 174 6.80 4.42 9.86
C GLY B 174 7.32 5.44 10.82
N THR B 175 7.34 6.65 10.31
CA THR B 175 7.57 7.89 11.02
C THR B 175 6.45 8.78 10.47
N PHE B 176 5.68 9.39 11.37
CA PHE B 176 4.55 10.22 10.96
C PHE B 176 4.45 11.39 11.93
N GLN B 177 3.63 12.39 11.61
CA GLN B 177 3.51 13.60 12.43
C GLN B 177 4.89 14.28 12.52
N ASN B 178 5.62 14.24 11.39
CA ASN B 178 6.97 14.78 11.27
C ASN B 178 6.92 16.27 11.24
N CYS B 179 7.35 16.88 12.33
CA CYS B 179 7.24 18.31 12.53
C CYS B 179 8.46 19.04 12.00
N ALA B 180 9.51 19.27 12.81
CA ALA B 180 10.67 19.97 12.30
C ALA B 180 11.92 19.09 12.31
N ASN B 181 13.09 19.72 12.15
CA ASN B 181 14.29 19.02 11.77
C ASN B 181 15.56 19.35 12.49
N GLY B 182 16.61 18.62 12.12
CA GLY B 182 17.98 18.84 12.52
C GLY B 182 18.89 18.40 11.36
N LYS B 183 20.06 19.01 11.26
CA LYS B 183 21.06 18.68 10.23
C LYS B 183 22.33 18.39 11.00
N THR B 184 22.89 17.18 10.87
CA THR B 184 24.09 16.83 11.62
C THR B 184 25.37 17.17 10.86
N PRO B 185 26.50 17.30 11.61
CA PRO B 185 27.79 17.54 10.97
C PRO B 185 28.42 16.26 10.38
N TRP B 186 27.68 15.13 10.35
CA TRP B 186 28.14 13.88 9.75
C TRP B 186 27.23 13.50 8.56
N GLY B 187 26.64 14.52 7.89
CA GLY B 187 25.86 14.36 6.67
C GLY B 187 24.53 13.65 6.78
N THR B 188 23.83 13.77 7.92
CA THR B 188 22.52 13.13 8.09
C THR B 188 21.46 14.14 8.49
N TYR B 189 20.21 13.72 8.34
CA TYR B 189 19.04 14.51 8.61
C TYR B 189 18.32 13.96 9.81
N LEU B 190 17.83 14.84 10.69
CA LEU B 190 17.04 14.44 11.83
C LEU B 190 15.61 14.92 11.61
N THR B 191 14.63 14.02 11.72
CA THR B 191 13.21 14.36 11.62
C THR B 191 12.60 14.07 12.97
N CYS B 192 11.66 14.92 13.38
CA CYS B 192 11.08 14.91 14.71
C CYS B 192 9.62 14.54 14.71
N GLU B 193 9.24 13.51 15.48
CA GLU B 193 7.86 13.08 15.61
C GLU B 193 7.22 13.88 16.74
N GLU B 194 6.22 14.71 16.40
CA GLU B 194 5.60 15.61 17.37
C GLU B 194 4.26 15.10 17.87
N ASN B 195 3.14 15.42 17.20
CA ASN B 195 1.81 15.04 17.70
C ASN B 195 1.41 13.62 17.30
N PHE B 196 2.32 12.68 17.53
CA PHE B 196 2.15 11.27 17.19
C PHE B 196 0.97 10.64 17.93
N THR B 197 0.73 11.07 19.18
CA THR B 197 -0.36 10.53 20.01
C THR B 197 -1.74 10.75 19.42
N ASP B 198 -1.91 11.82 18.62
CA ASP B 198 -3.18 12.13 17.97
C ASP B 198 -3.70 11.00 17.08
N CYS B 199 -2.78 10.21 16.52
CA CYS B 199 -3.09 9.12 15.59
C CYS B 199 -3.60 7.85 16.23
N PHE B 200 -3.56 7.75 17.57
CA PHE B 200 -3.97 6.55 18.28
C PHE B 200 -5.33 6.68 18.89
N GLY B 201 -6.05 5.58 18.96
CA GLY B 201 -7.37 5.51 19.60
C GLY B 201 -7.54 4.15 20.23
N SER B 202 -8.77 3.82 20.62
CA SER B 202 -9.04 2.53 21.22
C SER B 202 -10.43 2.05 20.84
N SER B 203 -10.54 0.75 20.57
CA SER B 203 -11.82 0.09 20.27
C SER B 203 -12.52 -0.32 21.57
N ASN B 204 -11.81 -0.28 22.72
CA ASN B 204 -12.39 -0.65 24.02
C ASN B 204 -13.07 0.57 24.64
N ALA B 205 -14.40 0.50 24.86
CA ALA B 205 -15.14 1.62 25.47
C ALA B 205 -14.73 1.88 26.91
N GLN B 206 -14.26 0.84 27.63
CA GLN B 206 -13.81 0.95 29.02
C GLN B 206 -12.27 1.06 29.11
N GLN B 207 -11.59 1.57 28.04
CA GLN B 207 -10.12 1.71 28.00
C GLN B 207 -9.61 2.54 29.17
N GLN B 208 -8.69 1.99 29.97
CA GLN B 208 -8.08 2.71 31.09
C GLN B 208 -6.70 3.15 30.63
N PHE B 209 -6.33 4.41 30.87
CA PHE B 209 -5.01 4.88 30.49
C PHE B 209 -4.13 4.94 31.72
N ASP B 210 -2.90 4.41 31.62
CA ASP B 210 -1.97 4.47 32.74
C ASP B 210 -1.40 5.90 32.86
N PRO B 211 -0.66 6.22 33.95
CA PRO B 211 -0.13 7.59 34.10
C PRO B 211 0.74 8.09 32.94
N ALA B 212 1.58 7.21 32.36
CA ALA B 212 2.43 7.59 31.23
C ALA B 212 1.59 7.85 29.98
N GLN B 213 0.56 7.03 29.72
CA GLN B 213 -0.33 7.22 28.58
C GLN B 213 -1.13 8.52 28.73
N LYS B 214 -1.61 8.81 29.95
CA LYS B 214 -2.35 10.05 30.22
C LYS B 214 -1.47 11.28 30.05
N ARG B 215 -0.23 11.24 30.54
CA ARG B 215 0.70 12.36 30.44
C ARG B 215 1.04 12.70 28.98
N TYR B 216 1.06 11.69 28.09
CA TYR B 216 1.35 11.91 26.68
C TYR B 216 0.10 12.34 25.88
N GLY B 217 -1.08 12.39 26.55
CA GLY B 217 -2.32 12.93 25.98
C GLY B 217 -3.06 12.03 25.04
N VAL B 218 -2.87 10.72 25.19
CA VAL B 218 -3.56 9.79 24.32
C VAL B 218 -5.02 9.66 24.76
N SER B 219 -5.93 9.45 23.81
CA SER B 219 -7.36 9.30 24.07
C SER B 219 -7.90 8.14 23.26
N ALA B 220 -9.05 7.59 23.68
CA ALA B 220 -9.69 6.48 22.95
C ALA B 220 -10.26 6.93 21.59
N ALA B 221 -10.63 8.22 21.47
CA ALA B 221 -11.21 8.75 20.24
C ALA B 221 -10.20 9.08 19.18
N SER B 222 -8.93 9.35 19.58
CA SER B 222 -7.88 9.91 18.73
C SER B 222 -8.24 11.39 18.56
N ARG B 223 -7.33 12.20 18.05
CA ARG B 223 -7.60 13.63 17.87
C ARG B 223 -8.06 13.88 16.45
N GLU B 224 -9.27 13.40 16.11
CA GLU B 224 -9.89 13.54 14.80
C GLU B 224 -9.06 12.92 13.65
N ILE B 225 -8.26 11.88 13.97
CA ILE B 225 -7.43 11.20 12.97
C ILE B 225 -8.19 9.95 12.50
N ASN B 226 -8.62 9.12 13.45
CA ASN B 226 -9.49 7.98 13.21
C ASN B 226 -8.95 6.94 12.20
N TRP B 227 -7.71 6.50 12.47
CA TRP B 227 -7.06 5.43 11.72
C TRP B 227 -7.36 4.07 12.37
N HIS B 228 -7.44 4.04 13.71
CA HIS B 228 -7.66 2.83 14.51
C HIS B 228 -8.84 1.91 14.10
N PRO B 229 -9.97 2.42 13.55
CA PRO B 229 -11.02 1.47 13.15
C PRO B 229 -10.66 0.62 11.91
N PHE B 230 -9.63 1.04 11.14
CA PHE B 230 -9.24 0.35 9.92
C PHE B 230 -7.86 -0.30 9.97
N ASP B 231 -6.96 0.15 10.85
CA ASP B 231 -5.63 -0.43 11.03
C ASP B 231 -5.42 -0.62 12.54
N PRO B 232 -5.43 -1.89 13.03
CA PRO B 232 -5.30 -2.13 14.47
C PRO B 232 -3.96 -1.75 15.08
N ARG B 233 -2.95 -1.39 14.27
CA ARG B 233 -1.67 -0.91 14.79
C ARG B 233 -1.87 0.35 15.64
N PHE B 234 -2.92 1.15 15.33
CA PHE B 234 -3.24 2.38 16.05
C PHE B 234 -4.31 2.19 17.11
N ASP B 235 -4.75 0.95 17.34
CA ASP B 235 -5.75 0.61 18.34
C ASP B 235 -5.02 0.22 19.62
N MET B 236 -5.06 1.11 20.62
CA MET B 236 -4.40 0.91 21.92
C MET B 236 -4.92 -0.29 22.71
N ALA B 237 -6.15 -0.76 22.44
CA ALA B 237 -6.68 -1.94 23.13
C ALA B 237 -5.95 -3.20 22.68
N LYS B 238 -5.42 -3.21 21.45
CA LYS B 238 -4.75 -4.36 20.85
C LYS B 238 -3.23 -4.23 20.82
N ASN B 239 -2.69 -3.03 20.56
CA ASN B 239 -1.25 -2.80 20.45
C ASN B 239 -0.83 -1.58 21.26
N PRO B 240 -1.02 -1.61 22.60
CA PRO B 240 -0.67 -0.47 23.44
C PRO B 240 0.79 -0.02 23.33
N ASN B 241 1.73 -0.97 23.17
CA ASN B 241 3.14 -0.62 23.06
C ASN B 241 3.49 0.11 21.77
N GLU B 242 2.60 0.11 20.75
CA GLU B 242 2.88 0.88 19.53
C GLU B 242 3.02 2.37 19.87
N LEU B 243 2.32 2.85 20.91
CA LEU B 243 2.44 4.25 21.35
C LEU B 243 3.88 4.60 21.76
N ASN B 244 4.64 3.62 22.27
CA ASN B 244 6.01 3.83 22.71
C ASN B 244 7.03 3.83 21.58
N ARG B 245 6.65 3.35 20.40
CA ARG B 245 7.53 3.25 19.24
C ARG B 245 7.49 4.49 18.35
N HIS B 246 6.81 5.54 18.82
CA HIS B 246 6.71 6.82 18.14
C HIS B 246 6.92 7.94 19.16
N GLY B 247 7.25 9.14 18.68
CA GLY B 247 7.59 10.27 19.53
C GLY B 247 9.09 10.35 19.70
N TRP B 248 9.87 9.97 18.68
CA TRP B 248 11.33 9.99 18.74
C TRP B 248 11.92 10.86 17.64
N VAL B 249 13.22 11.13 17.76
CA VAL B 249 14.02 11.81 16.74
C VAL B 249 14.50 10.67 15.86
N VAL B 250 14.31 10.80 14.54
CA VAL B 250 14.66 9.77 13.57
C VAL B 250 15.76 10.30 12.66
N GLU B 251 16.81 9.50 12.49
CA GLU B 251 17.97 9.87 11.69
C GLU B 251 17.88 9.24 10.30
N ILE B 252 18.01 10.07 9.26
CA ILE B 252 17.91 9.66 7.86
C ILE B 252 19.19 10.03 7.12
N ASP B 253 19.67 9.15 6.23
CA ASP B 253 20.81 9.42 5.38
C ASP B 253 20.23 9.79 4.00
N PRO B 254 20.18 11.08 3.65
CA PRO B 254 19.59 11.46 2.35
C PRO B 254 20.41 11.01 1.13
N PHE B 255 21.71 10.72 1.31
CA PHE B 255 22.57 10.27 0.22
C PHE B 255 22.48 8.77 -0.09
N ASP B 256 21.72 7.99 0.72
CA ASP B 256 21.55 6.56 0.47
C ASP B 256 20.04 6.29 0.39
N PRO B 257 19.46 6.23 -0.83
CA PRO B 257 18.02 6.00 -0.98
C PRO B 257 17.50 4.63 -0.52
N GLN B 258 18.40 3.64 -0.26
CA GLN B 258 18.01 2.32 0.22
C GLN B 258 18.28 2.17 1.73
N SER B 259 18.78 3.23 2.41
CA SER B 259 19.09 3.16 3.84
C SER B 259 17.84 3.06 4.70
N THR B 260 17.96 2.42 5.86
CA THR B 260 16.86 2.27 6.79
C THR B 260 16.98 3.37 7.83
N PRO B 261 15.97 4.28 7.95
CA PRO B 261 16.07 5.32 8.98
C PRO B 261 16.05 4.72 10.38
N VAL B 262 16.66 5.43 11.34
CA VAL B 262 16.84 4.95 12.70
C VAL B 262 16.22 5.88 13.73
N LYS B 263 15.34 5.34 14.60
CA LYS B 263 14.76 6.10 15.70
C LYS B 263 15.81 6.11 16.82
N ARG B 264 16.30 7.30 17.19
CA ARG B 264 17.36 7.46 18.18
C ARG B 264 16.79 7.63 19.58
N THR B 265 16.61 6.51 20.30
CA THR B 265 15.99 6.54 21.61
C THR B 265 16.77 7.24 22.70
N ALA B 266 18.09 7.44 22.52
CA ALA B 266 18.88 8.17 23.52
C ALA B 266 18.41 9.63 23.67
N LEU B 267 17.77 10.19 22.63
CA LEU B 267 17.30 11.57 22.64
C LEU B 267 15.94 11.77 23.33
N GLY B 268 15.32 10.67 23.84
CA GLY B 268 14.10 10.74 24.62
C GLY B 268 12.84 10.73 23.77
N ARG B 269 11.72 10.36 24.40
CA ARG B 269 10.43 10.30 23.76
C ARG B 269 9.55 11.41 24.28
N PHE B 270 9.03 12.24 23.37
CA PHE B 270 8.13 13.33 23.67
C PHE B 270 7.64 13.92 22.35
N LYS B 271 6.89 15.02 22.36
CA LYS B 271 6.36 15.59 21.13
C LYS B 271 7.40 16.55 20.59
N HIS B 272 8.42 15.96 19.96
CA HIS B 272 9.58 16.68 19.44
C HIS B 272 9.24 17.65 18.33
N GLU B 273 9.67 18.91 18.47
CA GLU B 273 9.48 19.89 17.41
C GLU B 273 10.68 19.82 16.46
N ASN B 274 11.86 20.27 16.91
CA ASN B 274 13.07 20.23 16.08
C ASN B 274 14.25 19.74 16.91
N ALA B 275 15.43 19.66 16.30
CA ALA B 275 16.64 19.16 16.94
C ALA B 275 17.79 20.08 16.53
N ALA B 276 18.21 20.97 17.43
CA ALA B 276 19.25 21.96 17.12
C ALA B 276 20.63 21.45 17.49
N LEU B 277 21.51 21.33 16.49
CA LEU B 277 22.85 20.80 16.70
C LEU B 277 23.85 21.86 17.15
N ALA B 278 24.71 21.47 18.09
CA ALA B 278 25.81 22.27 18.59
C ALA B 278 26.92 21.31 18.99
N GLU B 279 28.03 21.82 19.52
CA GLU B 279 29.16 20.99 19.89
C GLU B 279 29.78 21.54 21.17
N THR B 280 30.20 20.65 22.08
CA THR B 280 30.86 21.07 23.31
C THR B 280 32.28 21.51 23.00
N ASP B 281 32.95 22.16 23.95
CA ASP B 281 34.35 22.56 23.74
C ASP B 281 35.25 21.33 23.61
N ASP B 282 34.91 20.19 24.26
CA ASP B 282 35.67 18.95 24.13
C ASP B 282 35.22 18.06 22.94
N GLY B 283 34.45 18.61 21.98
CA GLY B 283 34.09 17.95 20.73
C GLY B 283 32.89 17.02 20.68
N ARG B 284 32.04 16.97 21.72
CA ARG B 284 30.87 16.08 21.75
C ARG B 284 29.66 16.75 21.13
N ALA B 285 28.77 15.97 20.50
CA ALA B 285 27.57 16.51 19.87
C ALA B 285 26.56 16.93 20.90
N VAL B 286 25.87 18.05 20.65
CA VAL B 286 24.84 18.58 21.53
C VAL B 286 23.57 18.74 20.67
N VAL B 287 22.42 18.29 21.18
CA VAL B 287 21.15 18.42 20.46
C VAL B 287 20.13 19.05 21.41
N TYR B 288 19.74 20.32 21.15
CA TYR B 288 18.72 20.99 21.96
C TYR B 288 17.37 20.66 21.33
N MET B 289 16.39 20.33 22.17
CA MET B 289 15.09 19.84 21.72
C MET B 289 13.93 20.37 22.55
N GLY B 290 12.88 20.87 21.86
CA GLY B 290 11.68 21.34 22.52
C GLY B 290 10.59 20.28 22.45
N ASP B 291 9.74 20.22 23.49
CA ASP B 291 8.59 19.34 23.57
C ASP B 291 7.38 20.25 23.43
N ASP B 292 6.75 20.28 22.25
CA ASP B 292 5.64 21.20 22.04
C ASP B 292 4.32 20.74 22.61
N GLU B 293 4.04 21.22 23.81
CA GLU B 293 2.75 21.06 24.45
C GLU B 293 2.70 22.08 25.59
N ARG B 294 1.52 22.62 25.89
CA ARG B 294 1.39 23.62 26.95
C ARG B 294 1.93 23.05 28.25
N GLY B 295 2.89 23.76 28.86
CA GLY B 295 3.45 23.34 30.14
C GLY B 295 4.49 22.23 30.08
N GLU B 296 5.05 21.93 28.89
CA GLU B 296 6.07 20.89 28.77
C GLU B 296 7.47 21.53 28.74
N PHE B 297 8.51 20.72 28.54
CA PHE B 297 9.89 21.13 28.75
C PHE B 297 10.80 21.26 27.54
N ILE B 298 12.01 21.78 27.81
CA ILE B 298 13.10 21.95 26.86
C ILE B 298 14.18 20.96 27.31
N TYR B 299 14.71 20.19 26.36
CA TYR B 299 15.69 19.14 26.61
C TYR B 299 16.99 19.39 25.89
N LYS B 300 18.03 18.67 26.32
CA LYS B 300 19.37 18.78 25.75
C LYS B 300 20.04 17.43 25.82
N PHE B 301 20.49 16.90 24.69
CA PHE B 301 21.22 15.64 24.63
C PHE B 301 22.68 15.97 24.35
N VAL B 302 23.60 15.30 25.06
CA VAL B 302 25.03 15.48 24.85
C VAL B 302 25.59 14.09 24.59
N SER B 303 26.26 13.90 23.44
CA SER B 303 26.80 12.58 23.12
C SER B 303 27.94 12.20 24.04
N ARG B 304 28.18 10.90 24.15
CA ARG B 304 29.27 10.37 24.96
C ARG B 304 30.59 10.59 24.22
N ASP B 305 30.62 10.24 22.92
CA ASP B 305 31.82 10.34 22.10
C ASP B 305 31.94 11.63 21.32
N LYS B 306 33.17 11.93 20.90
CA LYS B 306 33.47 13.15 20.15
C LYS B 306 33.11 13.00 18.68
N ILE B 307 32.70 14.10 18.06
CA ILE B 307 32.38 14.11 16.64
C ILE B 307 33.68 13.98 15.85
N ASN B 308 33.71 13.08 14.86
CA ASN B 308 34.81 12.96 13.92
C ASN B 308 34.39 13.75 12.69
N HIS B 309 34.95 14.97 12.57
CA HIS B 309 34.62 15.95 11.54
C HIS B 309 35.09 15.63 10.12
N ARG B 310 36.03 14.69 9.96
CA ARG B 310 36.54 14.28 8.65
C ARG B 310 36.17 12.87 8.23
N ASN B 311 35.62 12.05 9.15
CA ASN B 311 35.17 10.70 8.83
C ASN B 311 33.71 10.65 9.24
N ALA B 312 32.82 11.02 8.31
CA ALA B 312 31.38 11.08 8.58
C ALA B 312 30.83 9.77 9.11
N LYS B 313 31.16 8.65 8.46
CA LYS B 313 30.67 7.33 8.85
C LYS B 313 31.15 6.84 10.22
N ALA B 314 32.24 7.41 10.77
CA ALA B 314 32.71 7.05 12.12
C ALA B 314 31.71 7.51 13.19
N ASN B 315 30.79 8.44 12.86
CA ASN B 315 29.76 8.94 13.78
C ASN B 315 28.43 8.21 13.58
N ARG B 316 28.40 7.08 12.85
CA ARG B 316 27.16 6.36 12.53
C ARG B 316 26.16 6.32 13.68
N ASP B 317 26.61 5.87 14.85
CA ASP B 317 25.75 5.71 16.02
C ASP B 317 26.14 6.61 17.19
N ILE B 318 26.67 7.81 16.89
CA ILE B 318 27.03 8.78 17.92
C ILE B 318 25.82 9.18 18.77
N LEU B 319 24.61 9.20 18.18
CA LEU B 319 23.40 9.55 18.90
C LEU B 319 22.80 8.42 19.73
N ASP B 320 23.46 7.24 19.83
CA ASP B 320 22.99 6.14 20.68
C ASP B 320 23.58 6.18 22.08
N HIS B 321 24.65 6.97 22.30
CA HIS B 321 25.32 7.01 23.60
C HIS B 321 25.48 8.44 24.04
N GLY B 322 25.04 8.73 25.26
CA GLY B 322 25.16 10.09 25.77
C GLY B 322 24.31 10.28 27.01
N THR B 323 23.97 11.55 27.28
CA THR B 323 23.20 11.95 28.44
C THR B 323 22.11 12.90 28.01
N LEU B 324 20.88 12.69 28.53
CA LEU B 324 19.74 13.55 28.25
C LEU B 324 19.52 14.42 29.47
N TYR B 325 19.33 15.73 29.25
CA TYR B 325 19.08 16.70 30.30
C TYR B 325 17.78 17.44 30.01
N VAL B 326 17.23 18.09 31.04
CA VAL B 326 16.03 18.91 30.92
C VAL B 326 16.30 20.24 31.62
N ALA B 327 15.68 21.31 31.12
CA ALA B 327 15.92 22.66 31.63
C ALA B 327 15.05 23.09 32.79
N ARG B 328 15.65 23.85 33.69
CA ARG B 328 14.97 24.58 34.75
C ARG B 328 15.40 26.04 34.56
N PHE B 329 14.45 26.97 34.64
CA PHE B 329 14.71 28.40 34.49
C PHE B 329 14.28 29.08 35.77
N ASP B 330 15.11 29.98 36.29
CA ASP B 330 14.78 30.70 37.52
C ASP B 330 13.72 31.77 37.25
N ALA B 331 13.30 32.50 38.30
CA ALA B 331 12.28 33.56 38.20
C ALA B 331 12.76 34.79 37.42
N GLY B 332 14.07 34.97 37.26
CA GLY B 332 14.64 36.11 36.55
C GLY B 332 14.55 37.37 37.39
N ASP B 333 14.84 38.52 36.77
CA ASP B 333 14.82 39.82 37.45
C ASP B 333 13.45 40.51 37.45
N GLY B 334 12.44 39.94 36.76
CA GLY B 334 11.10 40.50 36.71
C GLY B 334 10.99 41.75 35.83
N ASN B 335 11.99 42.05 34.98
CA ASN B 335 11.93 43.23 34.11
C ASN B 335 10.74 43.01 33.14
N PRO B 336 9.79 43.97 33.05
CA PRO B 336 8.62 43.77 32.19
C PRO B 336 8.92 43.73 30.69
N ASP B 337 10.01 44.40 30.25
CA ASP B 337 10.38 44.51 28.84
C ASP B 337 11.39 43.47 28.38
N HIS B 338 12.46 43.25 29.15
CA HIS B 338 13.54 42.33 28.81
C HIS B 338 13.97 41.52 30.05
N PRO B 339 13.13 40.55 30.49
CA PRO B 339 13.49 39.75 31.67
C PRO B 339 14.70 38.87 31.38
N LYS B 340 15.59 38.74 32.37
CA LYS B 340 16.81 37.96 32.29
C LYS B 340 17.01 37.17 33.57
N GLY B 341 17.69 36.03 33.48
CA GLY B 341 18.00 35.24 34.66
C GLY B 341 18.96 34.12 34.33
N GLN B 342 19.04 33.14 35.23
CA GLN B 342 19.87 31.96 35.08
C GLN B 342 19.00 30.73 34.99
N GLY B 343 19.54 29.67 34.41
CA GLY B 343 18.86 28.39 34.31
C GLY B 343 19.89 27.28 34.36
N GLN B 344 19.42 26.04 34.36
CA GLN B 344 20.29 24.89 34.46
C GLN B 344 19.77 23.69 33.70
N TRP B 345 20.68 22.75 33.43
CA TRP B 345 20.39 21.48 32.78
C TRP B 345 20.44 20.42 33.87
N ILE B 346 19.36 19.64 34.02
CA ILE B 346 19.26 18.60 35.03
C ILE B 346 19.23 17.26 34.33
N GLU B 347 20.11 16.34 34.73
CA GLU B 347 20.29 15.04 34.11
C GLU B 347 19.11 14.09 34.31
N LEU B 348 18.67 13.45 33.21
CA LEU B 348 17.61 12.45 33.22
C LEU B 348 18.26 11.07 33.09
N THR B 349 18.85 10.59 34.19
CA THR B 349 19.53 9.29 34.24
C THR B 349 18.96 8.46 35.38
N HIS B 350 18.69 7.18 35.12
CA HIS B 350 18.16 6.26 36.13
C HIS B 350 19.15 6.17 37.29
N GLY B 351 18.65 6.33 38.51
CA GLY B 351 19.48 6.30 39.71
C GLY B 351 20.07 7.69 40.06
N LYS B 352 19.60 8.78 39.41
CA LYS B 352 20.07 10.14 39.69
C LYS B 352 18.88 11.09 39.81
N ASN B 353 19.04 12.15 40.63
CA ASN B 353 18.02 13.19 40.82
C ASN B 353 16.62 12.67 41.20
N GLY B 354 16.55 11.55 41.95
CA GLY B 354 15.29 10.98 42.39
C GLY B 354 14.60 10.08 41.34
N ILE B 355 15.25 9.80 40.19
CA ILE B 355 14.67 8.92 39.16
C ILE B 355 15.05 7.49 39.54
N ASP B 356 14.08 6.66 39.93
CA ASP B 356 14.35 5.26 40.31
C ASP B 356 13.04 4.47 40.35
N ALA B 357 13.09 3.18 40.80
CA ALA B 357 11.88 2.35 40.90
C ALA B 357 10.80 2.94 41.80
N SER B 358 11.18 3.71 42.85
CA SER B 358 10.20 4.34 43.76
C SER B 358 9.34 5.40 43.04
N SER B 359 9.95 6.14 42.08
CA SER B 359 9.24 7.16 41.30
C SER B 359 8.68 6.62 39.94
N GLY B 360 8.69 5.29 39.73
CA GLY B 360 8.11 4.63 38.55
C GLY B 360 9.05 4.32 37.38
N PHE B 361 10.38 4.23 37.61
CA PHE B 361 11.34 3.94 36.53
C PHE B 361 12.19 2.73 36.89
N ALA B 362 11.98 1.62 36.18
CA ALA B 362 12.73 0.38 36.41
C ALA B 362 14.16 0.45 35.87
N ASP B 363 14.37 1.19 34.76
CA ASP B 363 15.68 1.28 34.10
C ASP B 363 15.78 2.53 33.23
N GLN B 364 16.93 2.74 32.55
CA GLN B 364 17.16 3.90 31.69
C GLN B 364 16.23 3.92 30.47
N ALA B 365 15.88 2.75 29.95
CA ALA B 365 14.96 2.69 28.81
C ALA B 365 13.62 3.32 29.19
N GLU B 366 13.10 3.02 30.40
CA GLU B 366 11.84 3.61 30.87
C GLU B 366 11.95 5.11 31.07
N VAL B 367 13.11 5.60 31.53
CA VAL B 367 13.36 7.03 31.72
C VAL B 367 13.20 7.73 30.36
N LEU B 368 13.77 7.15 29.29
CA LEU B 368 13.72 7.74 27.96
C LEU B 368 12.34 7.63 27.31
N ILE B 369 11.68 6.46 27.43
CA ILE B 369 10.34 6.25 26.88
C ILE B 369 9.35 7.20 27.57
N HIS B 370 9.52 7.43 28.89
CA HIS B 370 8.65 8.30 29.68
C HIS B 370 9.44 9.54 30.14
N ALA B 371 10.20 10.15 29.22
CA ALA B 371 11.02 11.33 29.52
C ALA B 371 10.25 12.45 30.20
N ARG B 372 8.98 12.66 29.81
CA ARG B 372 8.15 13.71 30.43
C ARG B 372 7.98 13.48 31.92
N LEU B 373 7.70 12.23 32.33
CA LEU B 373 7.53 11.90 33.75
C LEU B 373 8.85 12.05 34.50
N ALA B 374 9.97 11.62 33.89
CA ALA B 374 11.28 11.74 34.50
C ALA B 374 11.64 13.21 34.70
N ALA B 375 11.34 14.05 33.70
CA ALA B 375 11.59 15.49 33.79
C ALA B 375 10.75 16.16 34.88
N SER B 376 9.52 15.69 35.12
CA SER B 376 8.69 16.25 36.21
C SER B 376 9.31 15.87 37.57
N VAL B 377 9.86 14.64 37.70
CA VAL B 377 10.50 14.22 38.95
C VAL B 377 11.66 15.16 39.32
N VAL B 378 12.48 15.56 38.33
CA VAL B 378 13.64 16.42 38.59
C VAL B 378 13.30 17.91 38.72
N GLY B 379 12.04 18.30 38.52
CA GLY B 379 11.63 19.69 38.69
C GLY B 379 11.94 20.58 37.50
N ALA B 380 11.73 20.08 36.28
CA ALA B 380 11.92 20.89 35.08
C ALA B 380 10.88 22.01 35.06
N THR B 381 11.21 23.14 34.45
CA THR B 381 10.29 24.28 34.39
C THR B 381 9.28 24.08 33.26
N ARG B 382 7.99 24.14 33.58
CA ARG B 382 6.91 24.00 32.59
C ARG B 382 6.93 25.24 31.71
N MET B 383 6.97 25.05 30.37
CA MET B 383 7.12 26.15 29.42
C MET B 383 5.92 26.40 28.53
N ASP B 384 5.90 27.60 27.93
CA ASP B 384 4.84 28.01 27.01
C ASP B 384 5.07 27.47 25.61
N ARG B 385 4.85 26.16 25.44
CA ARG B 385 4.95 25.49 24.15
C ARG B 385 6.26 25.72 23.38
N PRO B 386 7.34 25.06 23.81
CA PRO B 386 8.59 25.17 23.09
C PRO B 386 8.44 24.61 21.68
N GLU B 387 8.77 25.41 20.66
CA GLU B 387 8.75 24.92 19.29
C GLU B 387 10.20 24.89 18.80
N TRP B 388 10.59 25.62 17.75
CA TRP B 388 11.92 25.44 17.20
C TRP B 388 13.01 26.08 18.02
N ILE B 389 14.18 25.44 18.00
CA ILE B 389 15.39 25.91 18.63
C ILE B 389 16.45 26.06 17.56
N VAL B 390 17.24 27.15 17.63
CA VAL B 390 18.35 27.36 16.71
C VAL B 390 19.56 27.84 17.50
N VAL B 391 20.75 27.56 16.97
CA VAL B 391 22.02 27.92 17.58
C VAL B 391 22.71 28.89 16.63
N SER B 392 23.08 30.08 17.12
CA SER B 392 23.74 31.06 16.27
C SER B 392 25.07 30.53 15.74
N PRO B 393 25.29 30.58 14.41
CA PRO B 393 26.58 30.16 13.87
C PRO B 393 27.68 31.20 14.14
N LYS B 394 27.34 32.42 14.63
CA LYS B 394 28.30 33.48 14.93
C LYS B 394 28.79 33.46 16.37
N ASP B 395 27.87 33.33 17.36
CA ASP B 395 28.27 33.34 18.77
C ASP B 395 27.76 32.17 19.62
N GLY B 396 27.06 31.19 19.01
CA GLY B 396 26.60 30.01 19.75
C GLY B 396 25.40 30.23 20.68
N GLN B 397 24.81 31.44 20.75
CA GLN B 397 23.65 31.65 21.62
C GLN B 397 22.46 30.85 21.05
N VAL B 398 21.63 30.33 21.94
CA VAL B 398 20.53 29.45 21.59
C VAL B 398 19.20 30.19 21.69
N TYR B 399 18.33 30.02 20.68
CA TYR B 399 17.04 30.70 20.58
C TYR B 399 15.94 29.67 20.51
N CYS B 400 14.85 29.86 21.26
CA CYS B 400 13.73 28.91 21.31
C CYS B 400 12.43 29.67 21.26
N THR B 401 11.52 29.31 20.33
CA THR B 401 10.22 29.96 20.33
C THR B 401 9.36 29.29 21.39
N LEU B 402 8.58 30.10 22.11
CA LEU B 402 7.60 29.68 23.10
C LEU B 402 6.35 30.26 22.46
N THR B 403 5.71 29.46 21.58
CA THR B 403 4.68 29.96 20.70
C THR B 403 3.50 30.66 21.33
N ASN B 404 3.00 30.13 22.44
CA ASN B 404 1.87 30.69 23.20
C ASN B 404 1.51 29.71 24.30
N ASN B 405 0.59 30.09 25.18
CA ASN B 405 0.10 29.23 26.24
C ASN B 405 -1.13 29.85 26.85
N ALA B 406 -2.31 29.52 26.30
CA ALA B 406 -3.58 30.02 26.78
C ALA B 406 -3.88 29.60 28.22
N LYS B 407 -3.22 28.53 28.73
CA LYS B 407 -3.41 28.02 30.08
C LYS B 407 -2.38 28.54 31.09
N ARG B 408 -1.43 29.42 30.67
CA ARG B 408 -0.47 29.98 31.62
C ARG B 408 -1.27 30.76 32.68
N GLY B 409 -0.97 30.53 33.97
CA GLY B 409 -1.70 31.15 35.06
C GLY B 409 -2.59 30.16 35.79
N GLU B 410 -3.00 29.02 35.14
CA GLU B 410 -3.84 28.02 35.80
CA GLU B 410 -3.83 28.00 35.79
C GLU B 410 -3.01 27.28 36.86
N ASP B 411 -3.68 26.54 37.75
CA ASP B 411 -3.01 25.79 38.81
C ASP B 411 -1.97 24.83 38.21
N GLY B 412 -0.70 24.97 38.62
CA GLY B 412 0.40 24.14 38.12
C GLY B 412 1.26 24.84 37.06
N GLN B 413 0.79 25.96 36.46
CA GLN B 413 1.54 26.71 35.46
C GLN B 413 1.60 28.17 35.90
N PRO B 414 2.41 28.47 36.94
CA PRO B 414 2.47 29.85 37.44
C PRO B 414 3.17 30.80 36.48
N VAL B 415 2.81 32.09 36.58
CA VAL B 415 3.42 33.15 35.78
C VAL B 415 4.78 33.47 36.39
N GLY B 416 5.83 33.58 35.55
CA GLY B 416 7.16 33.89 36.05
C GLY B 416 8.26 33.60 35.04
N GLY B 417 9.43 34.23 35.24
CA GLY B 417 10.63 34.06 34.43
C GLY B 417 10.38 34.13 32.92
N PRO B 418 10.73 33.08 32.16
CA PRO B 418 10.55 33.10 30.70
C PRO B 418 9.10 32.93 30.22
N ASN B 419 8.12 32.78 31.13
CA ASN B 419 6.69 32.66 30.81
C ASN B 419 5.98 33.77 31.64
N PRO B 420 6.18 35.04 31.25
CA PRO B 420 5.73 36.19 32.04
C PRO B 420 4.28 36.62 31.99
N ARG B 421 3.42 36.00 31.16
CA ARG B 421 2.03 36.44 31.03
C ARG B 421 1.04 35.32 31.15
N GLU B 422 -0.04 35.55 31.92
CA GLU B 422 -1.14 34.62 32.00
C GLU B 422 -1.87 34.62 30.66
N LYS B 423 -2.58 33.54 30.33
CA LYS B 423 -3.40 33.45 29.12
C LYS B 423 -2.65 34.04 27.92
N ASN B 424 -1.46 33.49 27.68
CA ASN B 424 -0.55 33.95 26.66
C ASN B 424 -1.01 33.56 25.25
N VAL B 425 -1.48 34.54 24.46
CA VAL B 425 -1.96 34.27 23.10
C VAL B 425 -0.95 34.66 22.01
N TYR B 426 0.14 35.38 22.36
CA TYR B 426 1.12 35.87 21.39
C TYR B 426 2.44 35.14 21.33
N GLY B 427 2.95 34.65 22.46
CA GLY B 427 4.23 33.96 22.47
C GLY B 427 5.41 34.89 22.72
N GLN B 428 6.59 34.30 22.73
CA GLN B 428 7.85 34.99 22.97
C GLN B 428 9.00 34.14 22.45
N ILE B 429 10.18 34.74 22.31
CA ILE B 429 11.37 34.00 21.88
C ILE B 429 12.33 34.06 23.04
N LEU B 430 12.68 32.89 23.55
CA LEU B 430 13.59 32.71 24.66
C LEU B 430 14.99 32.52 24.10
N ARG B 431 16.00 33.12 24.74
CA ARG B 431 17.38 32.96 24.35
C ARG B 431 18.18 32.52 25.56
N TRP B 432 19.20 31.70 25.36
CA TRP B 432 20.14 31.38 26.42
C TRP B 432 21.57 31.34 25.90
N ARG B 433 22.49 31.76 26.77
CA ARG B 433 23.91 31.77 26.49
C ARG B 433 24.53 30.78 27.46
N THR B 434 25.04 29.67 26.93
CA THR B 434 25.67 28.63 27.75
C THR B 434 26.91 29.22 28.47
N ASP B 435 27.12 28.86 29.75
CA ASP B 435 28.23 29.43 30.52
C ASP B 435 29.57 29.17 29.86
N ARG B 436 30.43 30.22 29.81
CA ARG B 436 31.75 30.21 29.19
C ARG B 436 31.70 29.91 27.69
N ASP B 437 30.50 30.04 27.07
CA ASP B 437 30.26 29.71 25.67
C ASP B 437 30.60 28.23 25.35
N ASP B 438 30.56 27.35 26.37
CA ASP B 438 30.79 25.93 26.22
C ASP B 438 29.43 25.24 26.32
N HIS B 439 29.00 24.56 25.24
CA HIS B 439 27.73 23.85 25.25
C HIS B 439 27.70 22.65 26.23
N ALA B 440 28.86 22.24 26.81
CA ALA B 440 28.88 21.21 27.85
C ALA B 440 28.41 21.79 29.19
N SER B 441 28.40 23.13 29.37
CA SER B 441 28.01 23.72 30.63
C SER B 441 26.61 23.34 31.06
N LYS B 442 26.43 23.14 32.37
CA LYS B 442 25.16 22.75 32.96
C LYS B 442 24.34 23.97 33.41
N THR B 443 24.88 25.20 33.23
CA THR B 443 24.17 26.44 33.55
C THR B 443 24.25 27.40 32.37
N PHE B 444 23.32 28.35 32.35
CA PHE B 444 23.26 29.35 31.29
C PHE B 444 22.56 30.60 31.76
N ALA B 445 22.74 31.69 31.03
CA ALA B 445 22.08 32.96 31.28
C ALA B 445 20.97 33.07 30.24
N TRP B 446 19.71 33.22 30.66
CA TRP B 446 18.60 33.32 29.72
C TRP B 446 18.02 34.73 29.68
N ASP B 447 17.34 35.05 28.59
CA ASP B 447 16.64 36.31 28.42
C ASP B 447 15.56 36.14 27.37
N LEU B 448 14.52 36.97 27.42
CA LEU B 448 13.49 36.92 26.40
C LEU B 448 13.89 37.89 25.30
N PHE B 449 14.39 37.34 24.19
CA PHE B 449 14.81 38.09 23.00
C PHE B 449 13.69 38.99 22.50
N VAL B 450 12.46 38.48 22.52
CA VAL B 450 11.29 39.27 22.15
C VAL B 450 10.08 38.68 22.85
N VAL B 451 9.14 39.55 23.22
CA VAL B 451 7.87 39.15 23.80
C VAL B 451 6.87 39.66 22.77
N ALA B 452 6.29 38.74 21.99
CA ALA B 452 5.35 39.13 20.96
C ALA B 452 4.12 39.76 21.58
N GLY B 453 3.49 40.65 20.84
CA GLY B 453 2.30 41.33 21.33
C GLY B 453 1.69 42.21 20.27
N ASN B 454 0.58 42.85 20.61
CA ASN B 454 -0.12 43.74 19.70
C ASN B 454 -0.16 45.13 20.34
N PRO B 455 0.84 45.99 20.04
CA PRO B 455 0.84 47.33 20.65
C PRO B 455 -0.25 48.25 20.12
N SER B 456 -0.89 47.91 18.98
CA SER B 456 -1.99 48.71 18.44
C SER B 456 -3.26 48.49 19.26
N VAL B 457 -3.48 47.25 19.69
CA VAL B 457 -4.66 46.86 20.47
C VAL B 457 -4.44 47.04 21.97
N HIS B 458 -3.23 46.72 22.47
CA HIS B 458 -2.92 46.73 23.91
C HIS B 458 -1.71 47.58 24.26
N ALA B 459 -1.70 48.84 23.81
CA ALA B 459 -0.59 49.76 24.08
C ALA B 459 -0.30 49.93 25.58
N GLY B 460 0.98 49.88 25.98
CA GLY B 460 1.39 50.12 27.38
C GLY B 460 1.03 49.03 28.38
N THR B 461 0.73 47.80 27.91
CA THR B 461 0.39 46.68 28.80
C THR B 461 1.25 45.48 28.38
N PRO B 462 1.29 44.39 29.19
CA PRO B 462 2.08 43.21 28.79
C PRO B 462 1.65 42.63 27.43
N LYS B 463 0.34 42.70 27.08
CA LYS B 463 -0.16 42.20 25.79
C LYS B 463 0.32 43.03 24.58
N GLY B 464 0.90 44.24 24.82
CA GLY B 464 1.48 45.07 23.78
C GLY B 464 2.86 44.56 23.34
N GLY B 465 3.45 43.61 24.10
CA GLY B 465 4.75 43.03 23.77
C GLY B 465 5.93 43.85 24.26
N SER B 466 7.14 43.38 23.96
CA SER B 466 8.38 44.07 24.34
C SER B 466 8.62 45.25 23.40
N SER B 467 9.56 46.14 23.76
CA SER B 467 9.80 47.37 23.01
C SER B 467 10.37 47.19 21.61
N ASN B 468 10.91 46.00 21.27
CA ASN B 468 11.35 45.73 19.90
C ASN B 468 10.15 45.33 19.01
N ILE B 469 8.94 45.16 19.59
CA ILE B 469 7.71 44.94 18.84
C ILE B 469 7.12 46.32 18.66
N THR B 470 6.76 46.65 17.42
CA THR B 470 6.15 47.92 17.08
C THR B 470 4.86 47.64 16.35
N PRO B 471 4.05 48.69 16.12
CA PRO B 471 2.86 48.51 15.30
C PRO B 471 3.18 48.16 13.82
N GLN B 472 4.47 48.34 13.37
CA GLN B 472 4.93 48.08 12.01
C GLN B 472 5.54 46.68 11.78
N ASN B 473 5.88 45.92 12.85
CA ASN B 473 6.45 44.58 12.70
C ASN B 473 5.72 43.50 13.51
N MET B 474 4.61 43.86 14.20
CA MET B 474 3.92 42.92 15.08
C MET B 474 3.47 41.64 14.40
N PHE B 475 3.59 40.54 15.14
CA PHE B 475 3.24 39.20 14.71
C PHE B 475 2.78 38.40 15.92
N ASN B 476 2.31 37.17 15.72
CA ASN B 476 1.93 36.32 16.86
C ASN B 476 2.31 34.88 16.61
N SER B 477 2.56 34.13 17.70
CA SER B 477 2.88 32.72 17.67
C SER B 477 4.08 32.36 16.82
N PRO B 478 5.27 32.92 17.17
CA PRO B 478 6.49 32.53 16.47
C PRO B 478 6.67 31.03 16.69
N ASP B 479 7.10 30.32 15.65
CA ASP B 479 7.19 28.88 15.69
C ASP B 479 8.52 28.47 15.08
N GLY B 480 8.65 28.55 13.77
CA GLY B 480 9.90 28.22 13.10
C GLY B 480 10.96 29.28 13.29
N LEU B 481 12.22 28.86 13.26
CA LEU B 481 13.40 29.71 13.34
C LEU B 481 14.47 29.17 12.42
N GLY B 482 15.32 30.05 11.92
CA GLY B 482 16.44 29.63 11.10
C GLY B 482 17.49 30.70 11.04
N PHE B 483 18.76 30.32 11.18
CA PHE B 483 19.86 31.25 11.01
C PHE B 483 20.42 31.05 9.63
N ASP B 484 20.88 32.13 9.01
CA ASP B 484 21.61 32.04 7.75
C ASP B 484 23.08 32.23 8.11
N LYS B 485 23.99 32.06 7.16
CA LYS B 485 25.43 32.16 7.41
C LYS B 485 25.87 33.55 7.90
N ALA B 486 25.18 34.62 7.46
CA ALA B 486 25.47 35.98 7.89
C ALA B 486 25.09 36.26 9.36
N GLY B 487 24.21 35.44 9.96
CA GLY B 487 23.79 35.61 11.34
C GLY B 487 22.42 36.26 11.48
N ARG B 488 21.65 36.40 10.38
CA ARG B 488 20.28 36.92 10.47
C ARG B 488 19.41 35.82 11.05
N LEU B 489 18.51 36.15 11.99
CA LEU B 489 17.60 35.19 12.60
C LEU B 489 16.25 35.33 11.91
N TRP B 490 15.84 34.28 11.20
CA TRP B 490 14.57 34.28 10.48
C TRP B 490 13.52 33.67 11.39
N ILE B 491 12.37 34.34 11.56
CA ILE B 491 11.28 33.95 12.45
C ILE B 491 10.07 33.65 11.61
N LEU B 492 9.48 32.46 11.77
CA LEU B 492 8.33 32.02 11.00
C LEU B 492 7.15 31.88 11.96
N THR B 493 5.93 32.30 11.54
CA THR B 493 4.78 32.26 12.44
C THR B 493 3.72 31.23 12.07
N ASP B 494 3.06 30.72 13.11
CA ASP B 494 1.95 29.78 13.03
C ASP B 494 0.95 30.26 14.08
N GLY B 495 0.32 31.39 13.80
CA GLY B 495 -0.61 32.00 14.74
C GLY B 495 -2.03 32.11 14.30
N ASP B 496 -2.74 32.98 15.00
CA ASP B 496 -4.15 33.28 14.75
C ASP B 496 -4.19 34.33 13.64
N SER B 497 -4.70 33.93 12.45
CA SER B 497 -4.78 34.79 11.26
C SER B 497 -6.15 35.47 11.10
N SER B 498 -6.91 35.61 12.21
CA SER B 498 -8.24 36.26 12.19
C SER B 498 -8.16 37.71 11.80
N ASN B 499 -7.02 38.38 12.07
CA ASN B 499 -6.83 39.80 11.79
C ASN B 499 -7.88 40.64 12.55
N ALA B 500 -8.27 40.17 13.74
CA ALA B 500 -9.29 40.84 14.55
C ALA B 500 -9.07 40.54 16.03
N GLY B 501 -9.68 41.36 16.89
CA GLY B 501 -9.56 41.21 18.34
C GLY B 501 -8.11 41.41 18.75
N ASP B 502 -7.54 40.42 19.45
CA ASP B 502 -6.14 40.48 19.88
C ASP B 502 -5.16 40.49 18.70
N PHE B 503 -5.59 40.05 17.51
CA PHE B 503 -4.75 39.96 16.33
C PHE B 503 -5.10 41.00 15.28
N ALA B 504 -5.83 42.05 15.65
CA ALA B 504 -6.21 43.10 14.71
C ALA B 504 -4.96 43.69 14.07
N GLY B 505 -4.91 43.71 12.73
CA GLY B 505 -3.78 44.25 11.96
C GLY B 505 -2.64 43.26 11.71
N MET B 506 -2.67 42.05 12.31
CA MET B 506 -1.59 41.09 12.11
C MET B 506 -1.70 40.32 10.81
N GLY B 507 -2.91 40.22 10.24
CA GLY B 507 -3.12 39.55 8.97
C GLY B 507 -2.72 38.08 8.97
N ASN B 508 -2.25 37.59 7.81
CA ASN B 508 -1.86 36.20 7.63
C ASN B 508 -0.52 35.89 8.26
N ASN B 509 -0.18 34.59 8.33
CA ASN B 509 1.10 34.17 8.88
C ASN B 509 2.25 34.74 8.09
N GLN B 510 3.34 35.05 8.83
CA GLN B 510 4.47 35.81 8.34
C GLN B 510 5.81 35.15 8.55
N MET B 511 6.83 35.74 7.90
CA MET B 511 8.22 35.44 8.16
C MET B 511 8.87 36.80 8.40
N LEU B 512 9.63 36.90 9.49
CA LEU B 512 10.33 38.13 9.85
C LEU B 512 11.81 37.83 9.94
N CYS B 513 12.61 38.88 9.96
CA CYS B 513 14.06 38.75 10.06
C CYS B 513 14.53 39.63 11.18
N ALA B 514 15.41 39.11 12.04
CA ALA B 514 15.90 39.84 13.20
C ALA B 514 17.41 39.88 13.28
N ASP B 515 17.92 40.94 13.91
CA ASP B 515 19.33 41.10 14.18
C ASP B 515 19.45 40.68 15.66
N PRO B 516 20.04 39.51 15.96
CA PRO B 516 20.14 39.04 17.34
C PRO B 516 20.87 39.99 18.31
N ALA B 517 21.90 40.69 17.82
CA ALA B 517 22.69 41.59 18.67
C ALA B 517 21.95 42.87 19.07
N THR B 518 21.05 43.39 18.22
CA THR B 518 20.33 44.63 18.49
C THR B 518 18.86 44.44 18.90
N GLY B 519 18.25 43.28 18.59
CA GLY B 519 16.84 43.05 18.89
C GLY B 519 15.89 43.58 17.80
N GLU B 520 16.42 44.21 16.73
CA GLU B 520 15.58 44.76 15.67
C GLU B 520 14.93 43.65 14.86
N ILE B 521 13.61 43.75 14.62
CA ILE B 521 12.84 42.78 13.84
C ILE B 521 12.12 43.50 12.70
N ARG B 522 12.17 42.94 11.49
CA ARG B 522 11.48 43.50 10.33
C ARG B 522 10.67 42.41 9.65
N ARG B 523 9.43 42.73 9.24
CA ARG B 523 8.57 41.77 8.55
C ARG B 523 9.07 41.62 7.12
N PHE B 524 9.31 40.37 6.68
CA PHE B 524 9.88 40.06 5.38
C PHE B 524 8.87 39.46 4.41
N MET B 525 8.04 38.51 4.86
CA MET B 525 7.10 37.84 3.99
C MET B 525 5.77 37.60 4.67
N VAL B 526 4.68 37.62 3.90
CA VAL B 526 3.36 37.27 4.38
C VAL B 526 2.89 36.13 3.48
N GLY B 527 2.34 35.08 4.08
CA GLY B 527 1.88 33.89 3.35
C GLY B 527 0.41 34.01 2.95
N PRO B 528 -0.09 33.00 2.22
CA PRO B 528 -1.47 32.99 1.74
C PRO B 528 -2.50 32.65 2.82
N ILE B 529 -3.78 32.58 2.43
CA ILE B 529 -4.88 32.38 3.38
C ILE B 529 -4.90 30.99 3.99
N GLY B 530 -5.06 30.92 5.32
CA GLY B 530 -5.18 29.67 6.06
C GLY B 530 -3.90 28.85 6.20
N CYS B 531 -2.75 29.37 5.77
CA CYS B 531 -1.50 28.64 5.88
C CYS B 531 -0.80 28.98 7.17
N GLU B 532 0.29 28.26 7.41
CA GLU B 532 1.30 28.64 8.36
C GLU B 532 2.61 28.63 7.59
N VAL B 533 3.54 29.48 7.99
CA VAL B 533 4.85 29.60 7.36
C VAL B 533 5.76 28.73 8.21
N THR B 534 6.34 27.68 7.61
CA THR B 534 7.16 26.73 8.37
C THR B 534 8.16 26.05 7.44
N GLY B 535 9.31 25.66 7.97
CA GLY B 535 10.34 25.06 7.13
C GLY B 535 11.21 26.14 6.57
N ILE B 536 12.52 26.04 6.77
CA ILE B 536 13.46 27.00 6.22
C ILE B 536 14.80 26.34 5.92
N SER B 537 15.36 26.65 4.75
CA SER B 537 16.67 26.19 4.33
C SER B 537 17.22 27.20 3.34
N PHE B 538 18.54 27.29 3.23
CA PHE B 538 19.18 28.20 2.29
C PHE B 538 20.00 27.42 1.32
N SER B 539 20.14 27.94 0.09
CA SER B 539 21.07 27.36 -0.85
C SER B 539 22.46 27.67 -0.25
N PRO B 540 23.50 26.90 -0.58
CA PRO B 540 24.82 27.16 -0.03
C PRO B 540 25.29 28.61 -0.19
N ASP B 541 25.05 29.21 -1.37
CA ASP B 541 25.43 30.61 -1.64
C ASP B 541 24.52 31.67 -0.99
N GLN B 542 23.44 31.25 -0.27
CA GLN B 542 22.52 32.14 0.44
C GLN B 542 21.68 33.03 -0.48
N LYS B 543 21.64 32.74 -1.80
CA LYS B 543 20.89 33.51 -2.77
C LYS B 543 19.45 32.99 -2.95
N THR B 544 19.15 31.78 -2.43
CA THR B 544 17.78 31.25 -2.42
C THR B 544 17.45 30.88 -0.99
N LEU B 545 16.28 31.33 -0.52
CA LEU B 545 15.76 30.99 0.80
C LEU B 545 14.56 30.12 0.49
N PHE B 546 14.61 28.85 0.93
CA PHE B 546 13.50 27.93 0.72
C PHE B 546 12.63 28.01 1.96
N VAL B 547 11.31 28.20 1.79
CA VAL B 547 10.38 28.31 2.90
C VAL B 547 9.10 27.53 2.58
N GLY B 548 8.53 26.87 3.59
CA GLY B 548 7.32 26.08 3.38
C GLY B 548 6.05 26.87 3.68
N ILE B 549 5.02 26.62 2.88
CA ILE B 549 3.68 27.15 3.04
C ILE B 549 2.86 25.91 3.32
N GLN B 550 2.48 25.71 4.59
CA GLN B 550 1.79 24.52 5.03
C GLN B 550 0.30 24.75 5.15
N HIS B 551 -0.49 23.76 4.73
CA HIS B 551 -1.95 23.75 4.79
C HIS B 551 -2.64 25.03 4.31
N PRO B 552 -2.25 25.57 3.14
CA PRO B 552 -2.98 26.75 2.66
C PRO B 552 -4.47 26.38 2.52
N GLY B 553 -5.35 27.27 2.99
CA GLY B 553 -6.78 27.01 2.93
C GLY B 553 -7.26 25.94 3.91
N GLU B 554 -6.67 25.84 5.12
CA GLU B 554 -7.13 24.84 6.08
C GLU B 554 -8.62 24.95 6.40
N ASN B 555 -9.19 26.18 6.33
CA ASN B 555 -10.62 26.44 6.56
C ASN B 555 -11.39 26.74 5.25
N GLY B 556 -10.87 26.31 4.08
CA GLY B 556 -11.53 26.47 2.78
C GLY B 556 -11.43 27.83 2.09
N GLY B 557 -10.46 28.68 2.47
CA GLY B 557 -10.35 30.03 1.87
C GLY B 557 -9.16 30.25 0.93
N SER B 558 -8.54 29.18 0.38
CA SER B 558 -7.39 29.36 -0.50
C SER B 558 -7.44 28.48 -1.73
N THR B 559 -6.80 28.96 -2.81
CA THR B 559 -6.56 28.20 -4.04
C THR B 559 -5.05 28.22 -4.35
N PHE B 560 -4.23 28.61 -3.36
CA PHE B 560 -2.78 28.73 -3.51
C PHE B 560 -2.13 27.35 -3.68
N PRO B 561 -1.13 27.20 -4.58
CA PRO B 561 -0.50 28.20 -5.46
C PRO B 561 -1.02 28.30 -6.88
N GLU B 562 -1.75 27.29 -7.38
CA GLU B 562 -2.17 27.29 -8.78
C GLU B 562 -3.26 28.30 -9.11
N HIS B 563 -4.09 28.65 -8.12
CA HIS B 563 -5.17 29.61 -8.29
C HIS B 563 -6.09 29.27 -9.46
N LEU B 564 -6.45 27.99 -9.59
CA LEU B 564 -7.40 27.57 -10.61
C LEU B 564 -8.79 27.93 -10.05
N PRO B 565 -9.80 28.23 -10.90
CA PRO B 565 -11.13 28.61 -10.42
C PRO B 565 -11.70 27.55 -9.48
N ASN B 566 -12.02 27.94 -8.24
CA ASN B 566 -12.52 27.04 -7.20
C ASN B 566 -11.61 25.80 -7.08
N GLY B 567 -10.31 26.03 -7.20
CA GLY B 567 -9.31 24.98 -7.18
C GLY B 567 -8.98 24.47 -5.79
N LYS B 568 -8.06 23.51 -5.75
CA LYS B 568 -7.61 22.87 -4.53
C LYS B 568 -6.25 23.44 -4.12
N PRO B 569 -6.14 24.00 -2.91
CA PRO B 569 -4.86 24.53 -2.47
C PRO B 569 -3.92 23.40 -2.11
N ARG B 570 -2.60 23.63 -2.28
CA ARG B 570 -1.60 22.61 -2.02
C ARG B 570 -0.43 23.16 -1.24
N SER B 571 -0.07 22.49 -0.15
CA SER B 571 1.12 22.86 0.61
C SER B 571 2.30 22.84 -0.34
N SER B 572 3.18 23.85 -0.23
CA SER B 572 4.30 23.96 -1.15
C SER B 572 5.55 24.45 -0.49
N VAL B 573 6.69 24.11 -1.08
CA VAL B 573 7.99 24.64 -0.69
C VAL B 573 8.25 25.71 -1.73
N MET B 574 8.53 26.92 -1.26
CA MET B 574 8.76 28.07 -2.12
C MET B 574 10.23 28.41 -2.14
N ALA B 575 10.69 28.92 -3.27
CA ALA B 575 12.06 29.39 -3.45
C ALA B 575 11.97 30.91 -3.52
N ILE B 576 12.57 31.59 -2.53
CA ILE B 576 12.58 33.07 -2.48
C ILE B 576 13.95 33.54 -2.97
N THR B 577 13.96 34.45 -3.95
CA THR B 577 15.22 35.00 -4.48
C THR B 577 15.09 36.49 -4.68
N ARG B 578 16.24 37.14 -4.90
CA ARG B 578 16.30 38.56 -5.21
C ARG B 578 16.34 38.68 -6.73
N GLU B 579 15.67 39.69 -7.29
CA GLU B 579 15.67 39.94 -8.73
C GLU B 579 17.10 40.23 -9.24
N ASP B 580 17.94 40.88 -8.39
CA ASP B 580 19.33 41.19 -8.74
C ASP B 580 20.32 40.02 -8.48
N GLY B 581 19.83 38.86 -8.01
CA GLY B 581 20.65 37.68 -7.74
C GLY B 581 21.52 37.78 -6.48
N GLY B 582 21.29 38.77 -5.59
CA GLY B 582 22.10 38.91 -4.38
C GLY B 582 21.66 37.97 -3.25
N ILE B 583 22.35 38.08 -2.10
CA ILE B 583 22.07 37.27 -0.91
C ILE B 583 20.74 37.70 -0.27
N VAL B 584 19.89 36.73 0.06
CA VAL B 584 18.57 37.00 0.63
C VAL B 584 18.69 37.65 2.03
N GLY B 585 18.02 38.80 2.22
CA GLY B 585 18.03 39.55 3.47
C GLY B 585 19.16 40.61 3.55
N ALA B 586 20.18 40.54 2.67
CA ALA B 586 21.31 41.47 2.68
C ALA B 586 20.99 42.77 1.94
N HIS B 587 21.85 43.79 2.09
CA HIS B 587 21.64 45.08 1.44
C HIS B 587 21.80 45.01 -0.08
N HIS B 588 21.17 45.96 -0.79
CA HIS B 588 21.21 46.07 -2.25
C HIS B 588 22.28 47.08 -2.67
#